data_4J27
#
_entry.id   4J27
#
_cell.length_a   68.150
_cell.length_b   96.550
_cell.length_c   97.270
_cell.angle_alpha   90.000
_cell.angle_beta   91.300
_cell.angle_gamma   90.000
#
_symmetry.space_group_name_H-M   'P 1 21 1'
#
loop_
_entity.id
_entity.type
_entity.pdbx_description
1 polymer Alpha-L-fucosidase
2 non-polymer IMIDAZOLE
3 non-polymer 'SULFATE ION'
4 non-polymer GLYCEROL
5 water water
#
_entity_poly.entity_id   1
_entity_poly.type   'polypeptide(L)'
_entity_poly.pdbx_seq_one_letter_code
;EIPLKYGATNEGKRQDPAMQKFRDNRLGAFIHWGLYAIPGGEWNGKVYGGAAEWLKSWAKVPADEWLKLMDQWNPTKFDA
KKWAKMAKEMGTKYVKITTKHHEGFCLWPSKYTKYTVANTPYKRDILGELVKAYNDEGIDVHFYFSVMDWSNPDYRYDIK
SKEDSIAFSRFLEFTDNQLKELATRYPTVKDFWFDGTWDASVKKNGWWTAHAEQMLKELVPGVAINSRLRADDKGKRHFD
SNGRLMGDYESGYERRLPDPVKDLKVTQWDWEACMTIPENQWGYHKDWSLSYVKTPIEVIDRIVHAVSMGGNMVVNFGPQ
ADGDFRPEEKAMATAIGKWMNRYGKAVYACDYAGFEKQDWGYYTRGKNDEVYMVVFNQPYSERLIVKTPKGITVEKATLL
TTGEDITVVETTRNEYNVSVPKKNPGEPYVIQLKVRAAKGTKSIYRDALT
;
_entity_poly.pdbx_strand_id   A,B
#
loop_
_chem_comp.id
_chem_comp.type
_chem_comp.name
_chem_comp.formula
GOL non-polymer GLYCEROL 'C3 H8 O3'
IMD non-polymer IMIDAZOLE 'C3 H5 N2 1'
SO4 non-polymer 'SULFATE ION' 'O4 S -2'
#
# COMPACT_ATOMS: atom_id res chain seq x y z
N GLU A 1 -38.68 22.30 14.79
CA GLU A 1 -37.85 21.13 14.35
C GLU A 1 -38.54 20.38 13.23
N ILE A 2 -37.86 20.28 12.09
CA ILE A 2 -38.34 19.42 10.99
C ILE A 2 -37.77 18.03 11.25
N PRO A 3 -38.62 16.98 11.33
CA PRO A 3 -38.07 15.67 11.67
C PRO A 3 -37.29 15.12 10.47
N LEU A 4 -36.13 14.55 10.73
CA LEU A 4 -35.26 14.09 9.64
C LEU A 4 -34.62 12.77 10.02
N LYS A 5 -34.54 11.89 9.05
CA LYS A 5 -33.78 10.65 9.20
C LYS A 5 -32.33 10.79 8.72
N TYR A 6 -32.08 11.73 7.82
CA TYR A 6 -30.76 11.83 7.12
C TYR A 6 -30.10 13.22 7.31
N GLY A 7 -30.48 13.91 8.39
CA GLY A 7 -29.83 15.19 8.74
C GLY A 7 -28.56 14.98 9.56
N ALA A 8 -28.16 16.01 10.30
CA ALA A 8 -26.91 16.00 11.06
C ALA A 8 -26.79 14.87 12.07
N THR A 9 -25.55 14.41 12.28
CA THR A 9 -25.20 13.35 13.23
C THR A 9 -24.32 13.85 14.38
N ASN A 10 -23.25 14.64 14.09
CA ASN A 10 -22.44 15.25 15.16
C ASN A 10 -23.26 16.48 15.73
N GLU A 11 -23.17 16.68 17.03
CA GLU A 11 -23.59 17.94 17.67
C GLU A 11 -22.29 18.59 18.13
N GLY A 12 -21.92 19.71 17.54
CA GLY A 12 -20.67 20.35 17.90
C GLY A 12 -19.46 19.68 17.27
N LYS A 13 -18.28 20.18 17.60
CA LYS A 13 -17.03 19.74 16.97
C LYS A 13 -16.64 18.35 17.46
N ARG A 14 -16.22 17.46 16.54
CA ARG A 14 -15.55 16.23 16.99
C ARG A 14 -14.26 16.56 17.71
N GLN A 15 -14.01 15.85 18.82
CA GLN A 15 -12.78 16.06 19.59
C GLN A 15 -11.99 14.76 19.79
N ASP A 16 -12.29 13.73 19.02
CA ASP A 16 -11.43 12.54 19.03
C ASP A 16 -10.07 12.91 18.41
N PRO A 17 -9.03 12.12 18.67
CA PRO A 17 -7.70 12.47 18.16
C PRO A 17 -7.60 12.62 16.62
N ALA A 18 -8.32 11.80 15.85
CA ALA A 18 -8.26 11.95 14.39
C ALA A 18 -8.75 13.32 13.97
N MET A 19 -9.85 13.79 14.54
CA MET A 19 -10.33 15.12 14.16
C MET A 19 -9.42 16.22 14.68
N GLN A 20 -8.84 16.03 15.88
CA GLN A 20 -7.87 17.01 16.37
C GLN A 20 -6.66 17.12 15.44
N LYS A 21 -6.24 15.99 14.86
CA LYS A 21 -5.13 15.96 13.88
C LYS A 21 -5.51 16.69 12.57
N PHE A 22 -6.70 16.39 12.06
CA PHE A 22 -7.23 17.08 10.84
C PHE A 22 -7.16 18.61 11.01
N ARG A 23 -7.61 19.05 12.17
CA ARG A 23 -7.67 20.47 12.55
C ARG A 23 -6.26 21.05 12.75
N ASP A 24 -5.47 20.42 13.61
CA ASP A 24 -4.15 20.93 13.96
C ASP A 24 -3.21 21.03 12.75
N ASN A 25 -3.37 20.12 11.79
CA ASN A 25 -2.62 20.20 10.56
C ASN A 25 -2.64 21.62 9.94
N ARG A 26 -3.85 22.18 9.88
CA ARG A 26 -4.18 23.53 9.38
C ARG A 26 -3.91 23.83 7.88
N LEU A 27 -2.71 23.55 7.40
CA LEU A 27 -2.32 23.90 6.04
C LEU A 27 -2.18 22.63 5.23
N GLY A 28 -2.91 22.62 4.10
CA GLY A 28 -2.84 21.52 3.15
C GLY A 28 -2.55 22.01 1.76
N ALA A 29 -2.28 21.04 0.87
CA ALA A 29 -2.26 21.28 -0.54
C ALA A 29 -3.32 20.41 -1.19
N PHE A 30 -3.80 20.87 -2.34
CA PHE A 30 -4.73 20.09 -3.19
C PHE A 30 -3.98 19.76 -4.50
N ILE A 31 -4.20 18.54 -5.01
CA ILE A 31 -3.76 18.10 -6.32
C ILE A 31 -4.99 17.80 -7.16
N HIS A 32 -5.14 18.55 -8.27
CA HIS A 32 -6.10 18.23 -9.32
C HIS A 32 -5.29 17.71 -10.51
N TRP A 33 -5.36 16.41 -10.74
CA TRP A 33 -4.66 15.80 -11.88
C TRP A 33 -5.55 14.73 -12.48
N GLY A 34 -5.72 14.82 -13.79
CA GLY A 34 -6.56 13.91 -14.55
C GLY A 34 -6.37 14.20 -16.02
N LEU A 35 -7.22 13.61 -16.85
CA LEU A 35 -7.01 13.68 -18.31
C LEU A 35 -7.02 15.11 -18.86
N TYR A 36 -7.79 15.97 -18.21
CA TYR A 36 -7.86 17.42 -18.54
C TYR A 36 -6.47 18.09 -18.55
N ALA A 37 -5.48 17.53 -17.87
CA ALA A 37 -4.14 18.12 -17.90
C ALA A 37 -3.52 18.06 -19.30
N ILE A 38 -3.92 17.04 -20.08
CA ILE A 38 -3.35 16.86 -21.41
C ILE A 38 -3.76 18.03 -22.37
N PRO A 39 -5.07 18.27 -22.59
CA PRO A 39 -5.42 19.46 -23.44
C PRO A 39 -5.14 20.80 -22.75
N GLY A 40 -5.19 20.83 -21.42
CA GLY A 40 -4.84 22.05 -20.70
C GLY A 40 -5.69 23.27 -21.05
N GLY A 41 -6.97 23.03 -21.27
CA GLY A 41 -7.92 24.10 -21.60
C GLY A 41 -8.18 24.37 -23.09
N GLU A 42 -7.44 23.67 -23.94
CA GLU A 42 -7.53 23.87 -25.40
C GLU A 42 -8.09 22.66 -26.08
N TRP A 43 -9.04 22.88 -27.00
CA TRP A 43 -9.59 21.79 -27.78
C TRP A 43 -9.74 22.23 -29.24
N ASN A 44 -9.07 21.49 -30.14
CA ASN A 44 -9.18 21.74 -31.60
C ASN A 44 -8.97 23.23 -31.94
N GLY A 45 -7.97 23.83 -31.34
CA GLY A 45 -7.52 25.17 -31.66
C GLY A 45 -8.18 26.31 -30.93
N LYS A 46 -9.10 26.00 -30.01
N LYS A 46 -9.09 26.00 -30.00
CA LYS A 46 -9.78 27.01 -29.23
CA LYS A 46 -9.76 27.00 -29.23
C LYS A 46 -9.41 26.84 -27.76
C LYS A 46 -9.40 26.84 -27.76
N VAL A 47 -8.91 27.91 -27.17
CA VAL A 47 -8.54 27.92 -25.75
C VAL A 47 -9.78 28.45 -25.04
N TYR A 48 -10.34 27.64 -24.16
CA TYR A 48 -11.52 28.02 -23.43
C TYR A 48 -11.11 28.64 -22.09
N GLY A 49 -11.81 29.71 -21.71
CA GLY A 49 -11.45 30.40 -20.48
C GLY A 49 -12.05 29.81 -19.21
N GLY A 50 -13.02 28.93 -19.35
CA GLY A 50 -13.58 28.23 -18.19
C GLY A 50 -12.54 27.28 -17.58
N ALA A 51 -12.85 26.76 -16.39
CA ALA A 51 -11.95 25.87 -15.65
C ALA A 51 -11.57 24.69 -16.52
N ALA A 52 -10.27 24.44 -16.61
CA ALA A 52 -9.72 23.40 -17.48
C ALA A 52 -10.28 22.03 -17.23
N GLU A 53 -10.57 21.70 -15.98
CA GLU A 53 -11.08 20.37 -15.64
C GLU A 53 -12.49 20.14 -16.16
N TRP A 54 -13.15 21.22 -16.58
CA TRP A 54 -14.48 21.17 -17.19
C TRP A 54 -14.47 21.25 -18.72
N LEU A 55 -13.29 21.18 -19.32
CA LEU A 55 -13.19 21.33 -20.78
C LEU A 55 -14.10 20.37 -21.56
N LYS A 56 -14.31 19.15 -21.07
CA LYS A 56 -15.24 18.24 -21.74
C LYS A 56 -16.58 18.91 -21.99
N SER A 57 -17.04 19.68 -21.00
CA SER A 57 -18.29 20.40 -21.11
C SER A 57 -18.19 21.64 -22.00
N TRP A 58 -17.14 22.46 -21.81
CA TRP A 58 -17.03 23.68 -22.62
C TRP A 58 -16.98 23.37 -24.12
N ALA A 59 -16.22 22.33 -24.45
CA ALA A 59 -16.01 21.97 -25.86
C ALA A 59 -16.99 20.92 -26.39
N LYS A 60 -17.96 20.54 -25.57
CA LYS A 60 -19.00 19.56 -25.89
C LYS A 60 -18.44 18.28 -26.47
N VAL A 61 -17.48 17.71 -25.74
CA VAL A 61 -16.77 16.52 -26.23
C VAL A 61 -17.54 15.28 -25.78
N PRO A 62 -17.91 14.38 -26.72
CA PRO A 62 -18.51 13.13 -26.28
C PRO A 62 -17.58 12.32 -25.36
N ALA A 63 -18.17 11.56 -24.45
CA ALA A 63 -17.39 10.73 -23.48
C ALA A 63 -16.34 9.83 -24.10
N ASP A 64 -16.70 9.11 -25.18
CA ASP A 64 -15.74 8.17 -25.78
CA ASP A 64 -15.75 8.16 -25.75
C ASP A 64 -14.51 8.91 -26.27
N GLU A 65 -14.73 10.07 -26.86
CA GLU A 65 -13.68 10.87 -27.42
C GLU A 65 -12.82 11.52 -26.34
N TRP A 66 -13.46 12.01 -25.28
CA TRP A 66 -12.73 12.61 -24.16
C TRP A 66 -11.82 11.56 -23.49
N LEU A 67 -12.40 10.39 -23.25
CA LEU A 67 -11.66 9.32 -22.57
C LEU A 67 -10.54 8.69 -23.37
N LYS A 68 -10.53 8.88 -24.69
CA LYS A 68 -9.40 8.50 -25.50
C LYS A 68 -8.15 9.26 -25.19
N LEU A 69 -8.26 10.34 -24.42
CA LEU A 69 -7.07 10.99 -23.86
C LEU A 69 -6.20 10.05 -23.05
N MET A 70 -6.81 8.99 -22.54
CA MET A 70 -6.05 7.93 -21.86
C MET A 70 -4.87 7.41 -22.67
N ASP A 71 -5.03 7.34 -24.01
CA ASP A 71 -3.93 6.94 -24.88
C ASP A 71 -2.70 7.84 -24.85
N GLN A 72 -2.85 9.09 -24.38
CA GLN A 72 -1.77 10.04 -24.20
C GLN A 72 -1.28 10.18 -22.77
N TRP A 73 -1.84 9.40 -21.85
CA TRP A 73 -1.46 9.54 -20.45
C TRP A 73 -0.16 8.83 -20.19
N ASN A 74 0.92 9.59 -20.14
CA ASN A 74 2.25 9.03 -19.98
C ASN A 74 3.17 10.01 -19.30
N PRO A 75 2.95 10.26 -18.00
CA PRO A 75 3.66 11.34 -17.28
C PRO A 75 5.04 10.89 -16.86
N THR A 76 5.93 10.90 -17.83
CA THR A 76 7.27 10.35 -17.61
C THR A 76 8.10 11.09 -16.58
N LYS A 77 7.78 12.36 -16.29
CA LYS A 77 8.52 13.08 -15.21
C LYS A 77 7.96 12.82 -13.80
N PHE A 78 6.84 12.11 -13.71
CA PHE A 78 6.22 11.86 -12.41
C PHE A 78 7.18 11.12 -11.47
N ASP A 79 7.26 11.60 -10.23
CA ASP A 79 8.05 10.97 -9.19
C ASP A 79 7.40 11.29 -7.87
N ALA A 80 6.71 10.30 -7.29
CA ALA A 80 5.96 10.54 -6.08
C ALA A 80 6.80 11.03 -4.91
N LYS A 81 8.06 10.56 -4.83
CA LYS A 81 8.92 11.04 -3.77
C LYS A 81 9.21 12.53 -3.96
N LYS A 82 9.38 12.97 -5.20
CA LYS A 82 9.61 14.39 -5.46
C LYS A 82 8.41 15.24 -5.13
N TRP A 83 7.23 14.76 -5.49
CA TRP A 83 5.98 15.43 -5.10
C TRP A 83 5.87 15.55 -3.58
N ALA A 84 6.21 14.49 -2.83
CA ALA A 84 6.09 14.53 -1.40
C ALA A 84 7.12 15.47 -0.78
N LYS A 85 8.33 15.52 -1.38
CA LYS A 85 9.37 16.46 -0.96
C LYS A 85 8.92 17.91 -1.18
N MET A 86 8.28 18.16 -2.31
CA MET A 86 7.75 19.51 -2.60
C MET A 86 6.71 19.92 -1.56
N ALA A 87 5.79 18.99 -1.23
CA ALA A 87 4.78 19.25 -0.21
C ALA A 87 5.39 19.45 1.19
N LYS A 88 6.40 18.66 1.51
CA LYS A 88 7.09 18.82 2.79
C LYS A 88 7.78 20.17 2.91
N GLU A 89 8.51 20.55 1.88
CA GLU A 89 9.23 21.81 1.89
C GLU A 89 8.27 23.02 1.90
N MET A 90 7.09 22.89 1.34
CA MET A 90 6.07 23.94 1.40
C MET A 90 5.51 24.14 2.83
N GLY A 91 5.65 23.11 3.69
CA GLY A 91 5.12 23.19 5.03
C GLY A 91 3.71 22.62 5.12
N THR A 92 3.25 21.91 4.09
CA THR A 92 1.90 21.32 4.17
C THR A 92 1.95 20.14 5.13
N LYS A 93 0.86 19.92 5.87
CA LYS A 93 0.73 18.77 6.77
C LYS A 93 -0.18 17.67 6.20
N TYR A 94 -0.87 17.98 5.11
CA TYR A 94 -1.71 17.04 4.41
C TYR A 94 -1.88 17.44 2.95
N VAL A 95 -2.24 16.44 2.14
CA VAL A 95 -2.49 16.66 0.71
C VAL A 95 -3.82 15.97 0.33
N LYS A 96 -4.69 16.74 -0.33
CA LYS A 96 -5.95 16.24 -0.85
C LYS A 96 -5.76 15.97 -2.32
N ILE A 97 -6.14 14.78 -2.77
CA ILE A 97 -5.84 14.34 -4.16
C ILE A 97 -7.14 13.97 -4.90
N THR A 98 -7.30 14.44 -6.13
CA THR A 98 -8.44 14.02 -6.97
C THR A 98 -8.26 12.53 -7.32
N THR A 99 -9.03 11.65 -6.70
CA THR A 99 -9.02 10.25 -7.06
C THR A 99 -9.74 10.00 -8.40
N LYS A 100 -10.80 10.78 -8.64
CA LYS A 100 -11.64 10.72 -9.84
C LYS A 100 -12.42 12.02 -9.88
N HIS A 101 -12.25 12.77 -10.94
CA HIS A 101 -13.00 14.01 -11.17
C HIS A 101 -14.23 13.73 -12.03
N HIS A 102 -14.95 14.77 -12.46
CA HIS A 102 -16.23 14.55 -13.15
C HIS A 102 -16.06 13.69 -14.41
N GLU A 103 -14.90 13.85 -15.08
CA GLU A 103 -14.58 13.08 -16.27
C GLU A 103 -14.65 11.57 -16.08
N GLY A 104 -14.44 11.10 -14.84
CA GLY A 104 -14.57 9.70 -14.51
C GLY A 104 -13.32 8.84 -14.57
N PHE A 105 -12.22 9.41 -15.05
CA PHE A 105 -10.92 8.78 -15.10
C PHE A 105 -10.38 8.64 -13.67
N CYS A 106 -10.05 7.40 -13.34
CA CYS A 106 -9.56 7.04 -12.00
C CYS A 106 -8.05 7.01 -11.89
N LEU A 107 -7.52 7.68 -10.86
CA LEU A 107 -6.08 7.73 -10.61
C LEU A 107 -5.54 6.47 -9.92
N TRP A 108 -6.44 5.52 -9.67
CA TRP A 108 -6.09 4.21 -9.11
C TRP A 108 -6.68 3.17 -10.03
N PRO A 109 -6.14 1.94 -9.97
CA PRO A 109 -6.61 0.89 -10.91
C PRO A 109 -7.94 0.23 -10.49
N SER A 110 -9.04 0.97 -10.60
CA SER A 110 -10.33 0.45 -10.15
C SER A 110 -10.67 -0.81 -10.93
N LYS A 111 -11.28 -1.78 -10.25
CA LYS A 111 -11.80 -2.95 -10.93
C LYS A 111 -13.23 -2.74 -11.43
N TYR A 112 -13.82 -1.55 -11.20
CA TYR A 112 -15.22 -1.30 -11.53
C TYR A 112 -15.43 -0.49 -12.81
N THR A 113 -14.34 -0.09 -13.45
CA THR A 113 -14.35 0.63 -14.71
C THR A 113 -13.07 0.41 -15.47
N LYS A 114 -13.18 0.51 -16.81
CA LYS A 114 -11.97 0.50 -17.63
C LYS A 114 -11.25 1.85 -17.71
N TYR A 115 -11.88 2.92 -17.23
CA TYR A 115 -11.32 4.28 -17.39
C TYR A 115 -10.42 4.63 -16.21
N THR A 116 -9.24 3.99 -16.22
CA THR A 116 -8.30 4.11 -15.15
C THR A 116 -6.86 4.17 -15.64
N VAL A 117 -6.00 4.60 -14.72
CA VAL A 117 -4.56 4.61 -14.92
C VAL A 117 -3.96 3.28 -15.44
N ALA A 118 -4.61 2.16 -15.12
CA ALA A 118 -4.08 0.85 -15.51
C ALA A 118 -4.11 0.71 -17.04
N ASN A 119 -5.09 1.34 -17.67
CA ASN A 119 -5.28 1.22 -19.13
C ASN A 119 -4.75 2.44 -19.92
N THR A 120 -3.57 2.89 -19.55
CA THR A 120 -2.85 3.95 -20.18
C THR A 120 -1.47 3.42 -20.46
N PRO A 121 -0.68 4.13 -21.28
CA PRO A 121 0.70 3.74 -21.47
C PRO A 121 1.51 3.69 -20.17
N TYR A 122 1.22 4.57 -19.23
CA TYR A 122 1.96 4.63 -17.99
C TYR A 122 1.70 3.48 -17.00
N LYS A 123 0.46 2.97 -17.00
CA LYS A 123 0.01 1.78 -16.28
C LYS A 123 -0.08 1.89 -14.77
N ARG A 124 0.83 2.64 -14.19
CA ARG A 124 1.07 2.60 -12.75
C ARG A 124 -0.04 3.25 -11.91
N ASP A 125 -0.16 2.75 -10.68
CA ASP A 125 -1.12 3.22 -9.71
C ASP A 125 -0.59 4.55 -9.10
N ILE A 126 -0.86 5.65 -9.81
CA ILE A 126 -0.47 6.96 -9.32
C ILE A 126 -0.92 7.25 -7.89
N LEU A 127 -2.21 6.97 -7.61
CA LEU A 127 -2.73 7.27 -6.28
C LEU A 127 -1.97 6.51 -5.21
N GLY A 128 -1.79 5.21 -5.43
CA GLY A 128 -1.03 4.40 -4.47
C GLY A 128 0.41 4.84 -4.22
N GLU A 129 1.08 5.29 -5.29
CA GLU A 129 2.48 5.79 -5.18
C GLU A 129 2.48 7.08 -4.34
N LEU A 130 1.47 7.94 -4.53
CA LEU A 130 1.37 9.18 -3.79
C LEU A 130 1.08 8.92 -2.34
N VAL A 131 0.14 8.03 -2.05
CA VAL A 131 -0.20 7.70 -0.67
C VAL A 131 1.07 7.29 0.08
N LYS A 132 1.82 6.36 -0.48
CA LYS A 132 3.08 5.85 0.12
C LYS A 132 4.08 6.98 0.34
N ALA A 133 4.30 7.79 -0.69
CA ALA A 133 5.34 8.83 -0.64
C ALA A 133 4.98 9.94 0.34
N TYR A 134 3.72 10.43 0.29
CA TYR A 134 3.30 11.47 1.26
C TYR A 134 3.37 10.92 2.70
N ASN A 135 2.86 9.71 2.90
CA ASN A 135 2.86 9.10 4.21
C ASN A 135 4.31 8.94 4.75
N ASP A 136 5.26 8.59 3.88
CA ASP A 136 6.68 8.43 4.29
C ASP A 136 7.26 9.75 4.75
N GLU A 137 6.74 10.87 4.27
CA GLU A 137 7.12 12.21 4.73
C GLU A 137 6.35 12.69 5.97
N GLY A 138 5.48 11.85 6.53
CA GLY A 138 4.64 12.23 7.68
C GLY A 138 3.44 13.11 7.28
N ILE A 139 3.07 13.07 6.03
CA ILE A 139 1.96 13.91 5.48
C ILE A 139 0.70 13.07 5.34
N ASP A 140 -0.40 13.55 5.92
CA ASP A 140 -1.68 12.89 5.81
C ASP A 140 -2.21 13.01 4.36
N VAL A 141 -2.96 12.01 3.91
CA VAL A 141 -3.60 12.03 2.58
C VAL A 141 -5.13 12.00 2.70
N HIS A 142 -5.77 12.93 1.99
CA HIS A 142 -7.22 13.04 1.88
C HIS A 142 -7.61 12.79 0.43
N PHE A 143 -8.77 12.16 0.22
CA PHE A 143 -9.24 11.83 -1.14
C PHE A 143 -10.42 12.70 -1.57
N TYR A 144 -10.23 13.48 -2.61
CA TYR A 144 -11.31 14.10 -3.37
C TYR A 144 -12.01 13.02 -4.20
N PHE A 145 -13.33 13.04 -4.25
CA PHE A 145 -14.06 12.07 -5.06
C PHE A 145 -15.31 12.74 -5.66
N SER A 146 -15.43 12.68 -6.99
CA SER A 146 -16.63 13.22 -7.66
C SER A 146 -17.73 12.14 -7.81
N VAL A 147 -18.91 12.41 -7.24
CA VAL A 147 -20.03 11.52 -7.43
C VAL A 147 -20.51 11.56 -8.87
N MET A 148 -20.81 12.76 -9.35
CA MET A 148 -21.14 12.96 -10.75
C MET A 148 -20.00 12.38 -11.60
N ASP A 149 -20.36 11.61 -12.62
CA ASP A 149 -19.40 10.88 -13.39
C ASP A 149 -19.88 10.83 -14.83
N TRP A 150 -19.19 11.60 -15.65
CA TRP A 150 -19.48 11.76 -17.07
C TRP A 150 -19.10 10.55 -17.94
N SER A 151 -18.40 9.56 -17.35
CA SER A 151 -18.01 8.34 -18.07
C SER A 151 -18.98 7.17 -17.93
N ASN A 152 -19.93 7.25 -16.98
CA ASN A 152 -20.84 6.16 -16.66
C ASN A 152 -22.26 6.51 -17.10
N PRO A 153 -22.78 5.82 -18.14
CA PRO A 153 -24.10 6.19 -18.71
C PRO A 153 -25.28 5.96 -17.78
N ASP A 154 -25.05 5.27 -16.65
CA ASP A 154 -26.05 5.18 -15.60
C ASP A 154 -26.22 6.44 -14.73
N TYR A 155 -25.29 7.38 -14.77
CA TYR A 155 -25.51 8.65 -14.08
C TYR A 155 -26.76 9.31 -14.59
N ARG A 156 -27.46 10.01 -13.70
CA ARG A 156 -28.60 10.84 -14.07
C ARG A 156 -28.48 12.14 -13.32
N TYR A 157 -28.86 13.23 -14.00
CA TYR A 157 -28.91 14.57 -13.41
C TYR A 157 -30.18 14.81 -12.66
N ASP A 158 -31.26 14.14 -13.07
CA ASP A 158 -32.54 14.11 -12.35
C ASP A 158 -33.20 12.78 -12.63
N ILE A 159 -34.17 12.45 -11.80
CA ILE A 159 -34.93 11.20 -11.95
C ILE A 159 -36.34 11.54 -12.41
N LYS A 160 -36.66 11.18 -13.64
CA LYS A 160 -37.95 11.56 -14.25
C LYS A 160 -38.75 10.37 -14.72
N SER A 161 -38.28 9.16 -14.43
CA SER A 161 -38.91 7.90 -14.89
C SER A 161 -38.46 6.75 -13.98
N LYS A 162 -39.20 5.65 -14.03
CA LYS A 162 -38.77 4.43 -13.37
C LYS A 162 -37.43 3.97 -13.92
N GLU A 163 -37.24 4.05 -15.23
CA GLU A 163 -35.98 3.67 -15.87
C GLU A 163 -34.80 4.50 -15.32
N ASP A 164 -35.02 5.80 -15.15
CA ASP A 164 -34.01 6.67 -14.53
C ASP A 164 -33.69 6.19 -13.10
N SER A 165 -34.72 5.84 -12.34
CA SER A 165 -34.52 5.42 -10.95
CA SER A 165 -34.53 5.43 -10.97
C SER A 165 -33.71 4.13 -10.86
N ILE A 166 -33.99 3.17 -11.77
CA ILE A 166 -33.25 1.92 -11.82
C ILE A 166 -31.79 2.12 -12.21
N ALA A 167 -31.57 2.95 -13.23
CA ALA A 167 -30.21 3.25 -13.67
C ALA A 167 -29.44 3.92 -12.53
N PHE A 168 -30.10 4.85 -11.83
CA PHE A 168 -29.40 5.64 -10.83
C PHE A 168 -29.05 4.78 -9.64
N SER A 169 -29.93 3.85 -9.30
CA SER A 169 -29.63 2.89 -8.24
CA SER A 169 -29.63 2.89 -8.23
C SER A 169 -28.36 2.09 -8.55
N ARG A 170 -28.23 1.66 -9.79
CA ARG A 170 -27.08 0.92 -10.26
C ARG A 170 -25.84 1.82 -10.18
N PHE A 171 -26.02 3.10 -10.53
CA PHE A 171 -24.93 4.09 -10.43
C PHE A 171 -24.43 4.28 -9.00
N LEU A 172 -25.36 4.36 -8.05
CA LEU A 172 -25.01 4.46 -6.64
C LEU A 172 -24.28 3.22 -6.11
N GLU A 173 -24.69 2.03 -6.54
CA GLU A 173 -23.95 0.82 -6.23
C GLU A 173 -22.50 0.82 -6.76
N PHE A 174 -22.34 1.23 -8.03
CA PHE A 174 -21.05 1.46 -8.64
C PHE A 174 -20.21 2.44 -7.83
N THR A 175 -20.83 3.55 -7.44
CA THR A 175 -20.16 4.56 -6.60
C THR A 175 -19.70 3.96 -5.25
N ASP A 176 -20.60 3.23 -4.59
CA ASP A 176 -20.24 2.52 -3.33
C ASP A 176 -19.07 1.58 -3.54
N ASN A 177 -19.07 0.88 -4.66
CA ASN A 177 -17.97 -0.07 -4.93
C ASN A 177 -16.62 0.62 -5.06
N GLN A 178 -16.58 1.73 -5.78
CA GLN A 178 -15.35 2.52 -5.88
C GLN A 178 -14.92 3.11 -4.54
N LEU A 179 -15.86 3.61 -3.75
CA LEU A 179 -15.55 4.18 -2.45
C LEU A 179 -14.96 3.11 -1.52
N LYS A 180 -15.59 1.92 -1.49
CA LYS A 180 -15.08 0.82 -0.68
C LYS A 180 -13.69 0.37 -1.11
N GLU A 181 -13.47 0.37 -2.42
CA GLU A 181 -12.17 0.10 -2.98
C GLU A 181 -11.11 1.09 -2.52
N LEU A 182 -11.42 2.38 -2.58
CA LEU A 182 -10.47 3.39 -2.09
C LEU A 182 -10.14 3.22 -0.60
N ALA A 183 -11.17 2.97 0.20
CA ALA A 183 -11.06 2.88 1.64
C ALA A 183 -10.22 1.67 2.07
N THR A 184 -10.27 0.62 1.26
CA THR A 184 -9.57 -0.64 1.58
C THR A 184 -8.20 -0.74 0.92
N ARG A 185 -8.06 -0.27 -0.30
CA ARG A 185 -6.75 -0.21 -0.93
C ARG A 185 -5.80 0.77 -0.27
N TYR A 186 -6.32 1.83 0.30
CA TYR A 186 -5.52 2.90 0.88
C TYR A 186 -6.01 3.20 2.28
N PRO A 187 -5.80 2.23 3.18
CA PRO A 187 -6.39 2.35 4.52
C PRO A 187 -5.83 3.49 5.39
N THR A 188 -4.70 4.12 5.03
CA THR A 188 -4.21 5.29 5.73
C THR A 188 -4.94 6.59 5.35
N VAL A 189 -5.88 6.56 4.41
CA VAL A 189 -6.68 7.76 4.06
C VAL A 189 -7.35 8.37 5.32
N LYS A 190 -7.30 9.72 5.45
CA LYS A 190 -7.84 10.41 6.62
C LYS A 190 -9.15 11.21 6.38
N ASP A 191 -9.56 11.34 5.12
CA ASP A 191 -10.66 12.21 4.76
C ASP A 191 -11.15 11.85 3.37
N PHE A 192 -12.47 11.96 3.16
CA PHE A 192 -13.09 11.96 1.82
C PHE A 192 -13.80 13.31 1.64
N TRP A 193 -13.44 13.98 0.56
CA TRP A 193 -13.93 15.29 0.19
C TRP A 193 -14.72 15.10 -1.07
N PHE A 194 -16.04 15.06 -0.93
CA PHE A 194 -16.91 14.84 -2.06
C PHE A 194 -17.24 16.08 -2.85
N ASP A 195 -17.43 15.87 -4.14
CA ASP A 195 -17.82 16.89 -5.09
C ASP A 195 -18.86 16.31 -6.03
N GLY A 196 -19.45 17.14 -6.87
CA GLY A 196 -20.41 16.62 -7.88
C GLY A 196 -21.65 16.00 -7.24
N THR A 197 -22.14 16.65 -6.19
CA THR A 197 -23.28 16.16 -5.43
C THR A 197 -24.48 17.12 -5.43
N TRP A 198 -24.46 18.11 -6.31
CA TRP A 198 -25.46 19.19 -6.33
C TRP A 198 -26.68 18.85 -7.19
N ASP A 199 -26.59 17.82 -8.03
CA ASP A 199 -27.70 17.55 -8.97
C ASP A 199 -28.97 17.10 -8.25
N ALA A 200 -30.09 17.33 -8.92
CA ALA A 200 -31.40 16.93 -8.39
C ALA A 200 -31.48 15.45 -8.03
N SER A 201 -30.84 14.60 -8.85
CA SER A 201 -30.76 13.16 -8.57
C SER A 201 -30.19 12.85 -7.17
N VAL A 202 -29.09 13.55 -6.80
CA VAL A 202 -28.47 13.35 -5.52
C VAL A 202 -29.31 13.94 -4.38
N LYS A 203 -29.85 15.14 -4.61
CA LYS A 203 -30.68 15.80 -3.62
C LYS A 203 -31.95 15.00 -3.28
N LYS A 204 -32.46 14.27 -4.26
CA LYS A 204 -33.63 13.37 -4.06
C LYS A 204 -33.23 12.09 -3.36
N ASN A 205 -31.92 11.84 -3.27
CA ASN A 205 -31.40 10.62 -2.63
C ASN A 205 -30.46 10.96 -1.45
N GLY A 206 -30.91 11.90 -0.62
CA GLY A 206 -30.15 12.27 0.58
C GLY A 206 -29.78 11.07 1.44
N TRP A 207 -30.69 10.08 1.51
CA TRP A 207 -30.43 8.83 2.28
C TRP A 207 -29.05 8.25 1.86
N TRP A 208 -28.73 8.31 0.56
CA TRP A 208 -27.49 7.71 0.02
C TRP A 208 -26.27 8.46 0.59
N THR A 209 -26.38 9.78 0.66
CA THR A 209 -25.30 10.58 1.22
C THR A 209 -24.99 10.26 2.68
N ALA A 210 -26.03 10.03 3.47
CA ALA A 210 -25.87 9.65 4.86
C ALA A 210 -25.26 8.25 4.95
N HIS A 211 -25.72 7.36 4.08
CA HIS A 211 -25.19 6.00 4.01
C HIS A 211 -23.69 6.00 3.65
N ALA A 212 -23.30 6.82 2.68
CA ALA A 212 -21.90 6.91 2.25
C ALA A 212 -20.99 7.34 3.41
N GLU A 213 -21.42 8.37 4.13
CA GLU A 213 -20.71 8.82 5.32
C GLU A 213 -20.55 7.67 6.33
N GLN A 214 -21.65 7.00 6.65
CA GLN A 214 -21.63 5.92 7.62
C GLN A 214 -20.76 4.77 7.15
N MET A 215 -20.92 4.37 5.89
CA MET A 215 -20.16 3.27 5.31
C MET A 215 -18.67 3.50 5.41
N LEU A 216 -18.26 4.70 5.03
CA LEU A 216 -16.82 5.05 5.08
C LEU A 216 -16.31 5.13 6.52
N LYS A 217 -17.12 5.65 7.44
CA LYS A 217 -16.67 5.72 8.84
C LYS A 217 -16.50 4.31 9.48
N GLU A 218 -17.29 3.36 9.01
CA GLU A 218 -17.18 1.97 9.45
C GLU A 218 -15.90 1.32 8.89
N LEU A 219 -15.50 1.70 7.67
CA LEU A 219 -14.31 1.14 7.05
C LEU A 219 -13.01 1.77 7.47
N VAL A 220 -13.03 3.08 7.78
CA VAL A 220 -11.83 3.83 8.05
C VAL A 220 -11.98 4.57 9.43
N PRO A 221 -11.42 3.98 10.50
CA PRO A 221 -11.57 4.56 11.84
C PRO A 221 -11.12 6.03 11.86
N GLY A 222 -12.01 6.90 12.31
CA GLY A 222 -11.65 8.31 12.50
C GLY A 222 -11.72 9.15 11.25
N VAL A 223 -12.10 8.56 10.13
CA VAL A 223 -12.11 9.33 8.86
C VAL A 223 -13.00 10.57 8.98
N ALA A 224 -12.60 11.63 8.31
CA ALA A 224 -13.43 12.83 8.16
C ALA A 224 -14.15 12.81 6.83
N ILE A 225 -15.32 13.46 6.81
CA ILE A 225 -16.19 13.51 5.66
C ILE A 225 -16.71 14.96 5.52
N ASN A 226 -16.51 15.57 4.34
CA ASN A 226 -16.95 16.95 4.15
C ASN A 226 -18.47 17.17 4.07
N SER A 227 -18.90 18.40 4.35
CA SER A 227 -20.32 18.77 4.28
C SER A 227 -20.89 18.71 2.88
N ARG A 228 -20.05 18.91 1.87
CA ARG A 228 -20.54 18.99 0.47
C ARG A 228 -21.13 17.67 -0.02
N LEU A 229 -20.75 16.56 0.62
CA LEU A 229 -21.39 15.28 0.31
C LEU A 229 -22.88 15.31 0.57
N ARG A 230 -23.25 15.99 1.64
CA ARG A 230 -24.47 15.64 2.36
C ARG A 230 -25.69 16.45 1.94
N ALA A 231 -26.77 15.71 1.66
CA ALA A 231 -28.13 16.23 1.50
C ALA A 231 -29.02 15.51 2.50
N ASP A 232 -30.01 16.24 3.04
CA ASP A 232 -30.94 15.64 3.97
C ASP A 232 -32.23 15.10 3.26
N ASP A 233 -33.21 14.70 4.07
CA ASP A 233 -34.50 14.17 3.56
C ASP A 233 -35.19 15.09 2.58
N LYS A 234 -34.95 16.41 2.70
CA LYS A 234 -35.61 17.40 1.86
C LYS A 234 -34.75 17.93 0.73
N GLY A 235 -33.54 17.37 0.57
CA GLY A 235 -32.69 17.87 -0.48
C GLY A 235 -31.82 19.06 -0.07
N LYS A 236 -31.85 19.47 1.20
CA LYS A 236 -31.05 20.60 1.66
CA LYS A 236 -31.05 20.58 1.67
C LYS A 236 -29.61 20.12 1.87
N ARG A 237 -28.66 20.88 1.32
CA ARG A 237 -27.23 20.45 1.33
C ARG A 237 -26.34 21.23 2.34
N HIS A 238 -25.26 20.56 2.78
CA HIS A 238 -24.28 21.04 3.71
C HIS A 238 -24.80 21.16 5.14
N PHE A 239 -25.80 22.03 5.34
CA PHE A 239 -26.48 22.18 6.61
C PHE A 239 -27.91 21.66 6.36
N ASP A 240 -28.43 20.91 7.30
CA ASP A 240 -29.76 20.29 7.12
C ASP A 240 -30.91 21.31 7.27
N SER A 241 -32.14 20.79 7.16
CA SER A 241 -33.34 21.62 7.23
C SER A 241 -33.52 22.30 8.61
N ASN A 242 -32.88 21.80 9.64
CA ASN A 242 -32.83 22.47 10.93
C ASN A 242 -31.58 23.33 11.17
N GLY A 243 -30.84 23.62 10.09
CA GLY A 243 -29.64 24.46 10.15
C GLY A 243 -28.42 23.82 10.77
N ARG A 244 -28.43 22.49 10.93
CA ARG A 244 -27.32 21.80 11.57
C ARG A 244 -26.31 21.28 10.50
N LEU A 245 -25.02 21.49 10.74
CA LEU A 245 -23.98 21.04 9.83
C LEU A 245 -23.99 19.52 9.71
N MET A 246 -23.96 19.03 8.46
CA MET A 246 -23.82 17.60 8.17
C MET A 246 -22.35 17.30 7.80
N GLY A 247 -21.94 16.05 7.94
CA GLY A 247 -20.53 15.70 7.86
C GLY A 247 -19.74 16.28 9.04
N ASP A 248 -18.41 16.24 8.94
CA ASP A 248 -17.55 16.55 10.07
C ASP A 248 -17.00 17.99 10.06
N TYR A 249 -17.12 18.65 8.93
CA TYR A 249 -16.58 20.00 8.74
C TYR A 249 -17.24 20.65 7.54
N GLU A 250 -17.34 21.98 7.57
CA GLU A 250 -17.92 22.71 6.46
C GLU A 250 -16.90 22.91 5.38
N SER A 251 -17.20 22.46 4.16
CA SER A 251 -16.34 22.73 3.01
C SER A 251 -16.99 23.85 2.21
N GLY A 252 -16.24 24.91 1.96
CA GLY A 252 -16.78 26.08 1.26
C GLY A 252 -15.73 27.19 1.26
N TYR A 253 -16.18 28.39 1.06
CA TYR A 253 -15.31 29.57 1.08
C TYR A 253 -14.21 29.53 0.03
N GLU A 254 -14.47 28.97 -1.13
CA GLU A 254 -13.44 28.88 -2.18
C GLU A 254 -13.06 30.20 -2.82
N ARG A 255 -14.06 30.99 -3.11
CA ARG A 255 -13.81 32.30 -3.68
C ARG A 255 -13.47 33.29 -2.60
N ARG A 256 -14.26 33.30 -1.51
CA ARG A 256 -14.13 34.32 -0.46
C ARG A 256 -14.22 33.72 0.93
N LEU A 257 -13.26 34.05 1.77
CA LEU A 257 -13.22 33.56 3.15
C LEU A 257 -14.26 34.26 4.04
N PRO A 258 -14.59 33.67 5.17
CA PRO A 258 -15.48 34.28 6.13
C PRO A 258 -14.99 35.68 6.53
N ASP A 259 -15.91 36.61 6.62
CA ASP A 259 -15.59 37.94 7.08
C ASP A 259 -15.14 37.95 8.51
N PRO A 260 -13.96 38.55 8.81
CA PRO A 260 -13.44 38.51 10.19
C PRO A 260 -14.24 39.22 11.26
N VAL A 261 -15.15 40.10 10.84
CA VAL A 261 -16.05 40.81 11.76
C VAL A 261 -17.47 40.21 11.78
N LYS A 262 -17.99 39.89 10.60
CA LYS A 262 -19.40 39.56 10.45
C LYS A 262 -19.69 38.07 10.44
N ASP A 263 -18.68 37.22 10.24
CA ASP A 263 -18.90 35.75 10.10
C ASP A 263 -18.25 34.95 11.22
N LEU A 264 -18.29 35.45 12.46
CA LEU A 264 -17.73 34.74 13.59
C LEU A 264 -18.45 33.45 13.90
N LYS A 265 -19.64 33.28 13.35
CA LYS A 265 -20.37 32.01 13.51
C LYS A 265 -19.51 30.80 13.14
N VAL A 266 -18.63 30.94 12.14
CA VAL A 266 -17.83 29.80 11.69
C VAL A 266 -16.89 29.26 12.76
N THR A 267 -16.61 30.02 13.80
CA THR A 267 -15.77 29.51 14.87
C THR A 267 -16.45 28.40 15.67
N GLN A 268 -17.74 28.18 15.42
CA GLN A 268 -18.47 27.16 16.17
C GLN A 268 -18.34 25.76 15.57
N TRP A 269 -17.76 25.64 14.39
CA TRP A 269 -17.63 24.31 13.74
C TRP A 269 -16.29 24.24 12.98
N ASP A 270 -15.80 23.03 12.77
CA ASP A 270 -14.63 22.87 11.92
C ASP A 270 -15.00 23.23 10.49
N TRP A 271 -14.04 23.79 9.77
CA TRP A 271 -14.26 24.16 8.38
C TRP A 271 -12.91 24.23 7.68
N GLU A 272 -13.00 24.14 6.36
CA GLU A 272 -11.80 24.06 5.49
C GLU A 272 -12.08 24.79 4.19
N ALA A 273 -11.23 25.77 3.86
CA ALA A 273 -11.34 26.47 2.59
C ALA A 273 -10.32 25.91 1.64
N CYS A 274 -10.69 25.74 0.38
CA CYS A 274 -9.76 25.32 -0.67
CA CYS A 274 -9.73 25.34 -0.65
C CYS A 274 -9.64 26.46 -1.69
N MET A 275 -8.43 26.73 -2.15
CA MET A 275 -8.19 27.90 -2.94
C MET A 275 -7.38 27.59 -4.20
N THR A 276 -7.76 28.23 -5.32
CA THR A 276 -6.93 28.20 -6.54
C THR A 276 -5.97 29.36 -6.55
N ILE A 277 -4.86 29.19 -7.26
CA ILE A 277 -3.87 30.24 -7.44
C ILE A 277 -4.33 31.31 -8.43
N PRO A 278 -4.76 30.90 -9.64
CA PRO A 278 -5.59 31.79 -10.51
C PRO A 278 -6.95 31.94 -9.94
N GLU A 279 -7.77 32.77 -10.56
CA GLU A 279 -9.10 32.98 -10.03
C GLU A 279 -9.97 31.71 -9.99
N ASN A 280 -9.99 30.93 -11.07
CA ASN A 280 -10.84 29.77 -11.13
C ASN A 280 -10.28 28.73 -12.11
N GLN A 281 -9.09 28.20 -11.81
CA GLN A 281 -8.52 27.05 -12.52
C GLN A 281 -8.05 26.05 -11.47
N TRP A 282 -8.60 24.84 -11.52
CA TRP A 282 -8.15 23.77 -10.59
C TRP A 282 -7.20 22.79 -11.27
N GLY A 283 -7.65 22.17 -12.39
CA GLY A 283 -6.74 21.41 -13.22
C GLY A 283 -5.79 22.31 -13.97
N TYR A 284 -4.75 21.71 -14.55
CA TYR A 284 -3.82 22.43 -15.41
C TYR A 284 -4.47 23.15 -16.59
N HIS A 285 -4.30 24.47 -16.62
CA HIS A 285 -4.67 25.30 -17.75
C HIS A 285 -3.39 25.93 -18.29
N LYS A 286 -3.19 25.84 -19.61
CA LYS A 286 -1.95 26.34 -20.20
C LYS A 286 -1.78 27.87 -20.20
N ASP A 287 -2.86 28.61 -20.04
CA ASP A 287 -2.79 30.07 -20.13
C ASP A 287 -3.30 30.76 -18.86
N TRP A 288 -2.36 31.06 -17.98
CA TRP A 288 -2.67 31.74 -16.71
C TRP A 288 -2.76 33.25 -16.90
N SER A 289 -2.61 33.73 -18.14
CA SER A 289 -2.78 35.19 -18.38
C SER A 289 -4.25 35.58 -18.41
N LEU A 290 -5.15 34.59 -18.44
CA LEU A 290 -6.57 34.87 -18.62
C LEU A 290 -7.30 35.40 -17.37
N SER A 291 -6.70 35.25 -16.19
CA SER A 291 -7.30 35.76 -14.95
C SER A 291 -6.17 36.14 -13.97
N TYR A 292 -6.56 36.76 -12.86
CA TYR A 292 -5.62 37.25 -11.89
C TYR A 292 -4.99 36.01 -11.19
N VAL A 293 -3.70 36.06 -11.00
CA VAL A 293 -2.89 35.02 -10.37
C VAL A 293 -2.37 35.58 -9.02
N LYS A 294 -2.76 34.95 -7.94
CA LYS A 294 -2.37 35.42 -6.60
C LYS A 294 -0.88 35.31 -6.39
N THR A 295 -0.32 36.28 -5.67
CA THR A 295 1.09 36.23 -5.25
C THR A 295 1.23 35.41 -3.95
N PRO A 296 2.45 35.03 -3.61
CA PRO A 296 2.63 34.28 -2.37
C PRO A 296 2.11 34.98 -1.10
N ILE A 297 2.34 36.29 -0.97
CA ILE A 297 1.84 37.00 0.22
C ILE A 297 0.32 37.00 0.23
N GLU A 298 -0.31 37.13 -0.94
CA GLU A 298 -1.77 37.04 -0.98
C GLU A 298 -2.27 35.68 -0.49
N VAL A 299 -1.55 34.63 -0.84
CA VAL A 299 -1.90 33.29 -0.39
C VAL A 299 -1.67 33.14 1.09
N ILE A 300 -0.52 33.60 1.56
CA ILE A 300 -0.21 33.52 2.97
C ILE A 300 -1.23 34.26 3.81
N ASP A 301 -1.66 35.45 3.37
CA ASP A 301 -2.71 36.17 4.04
C ASP A 301 -3.97 35.28 4.21
N ARG A 302 -4.34 34.55 3.15
CA ARG A 302 -5.51 33.68 3.22
C ARG A 302 -5.31 32.52 4.19
N ILE A 303 -4.12 31.96 4.20
CA ILE A 303 -3.84 30.84 5.14
C ILE A 303 -4.03 31.30 6.60
N VAL A 304 -3.42 32.43 6.93
CA VAL A 304 -3.51 32.96 8.28
C VAL A 304 -4.95 33.38 8.62
N HIS A 305 -5.62 34.05 7.70
CA HIS A 305 -7.01 34.43 7.82
C HIS A 305 -7.85 33.22 8.24
N ALA A 306 -7.75 32.11 7.50
CA ALA A 306 -8.51 30.91 7.87
C ALA A 306 -8.23 30.44 9.30
N VAL A 307 -6.97 30.27 9.67
CA VAL A 307 -6.61 29.79 11.01
C VAL A 307 -7.11 30.76 12.10
N SER A 308 -7.07 32.06 11.81
CA SER A 308 -7.50 33.09 12.74
C SER A 308 -9.00 32.97 13.02
N MET A 309 -9.74 32.33 12.12
CA MET A 309 -11.17 32.07 12.31
C MET A 309 -11.52 30.59 12.50
N GLY A 310 -10.53 29.82 12.92
CA GLY A 310 -10.73 28.42 13.32
C GLY A 310 -10.87 27.45 12.20
N GLY A 311 -10.34 27.81 11.04
CA GLY A 311 -10.41 26.97 9.87
C GLY A 311 -9.08 26.57 9.25
N ASN A 312 -9.16 25.51 8.41
CA ASN A 312 -8.03 25.06 7.63
C ASN A 312 -8.00 25.75 6.26
N MET A 313 -6.84 25.78 5.62
CA MET A 313 -6.67 26.32 4.28
C MET A 313 -5.84 25.37 3.43
N VAL A 314 -6.33 25.12 2.22
CA VAL A 314 -5.73 24.21 1.27
C VAL A 314 -5.41 24.92 -0.04
N VAL A 315 -4.14 24.92 -0.43
CA VAL A 315 -3.65 25.58 -1.65
C VAL A 315 -3.59 24.60 -2.82
N ASN A 316 -4.34 24.89 -3.88
CA ASN A 316 -4.43 23.98 -5.01
C ASN A 316 -3.30 24.07 -6.03
N PHE A 317 -2.88 22.90 -6.51
CA PHE A 317 -1.94 22.70 -7.59
C PHE A 317 -2.56 21.86 -8.70
N GLY A 318 -2.30 22.22 -9.96
CA GLY A 318 -2.75 21.44 -11.13
C GLY A 318 -1.55 20.98 -11.93
N PRO A 319 -1.01 19.80 -11.61
CA PRO A 319 0.24 19.33 -12.26
C PRO A 319 0.11 19.21 -13.79
N GLN A 320 1.21 19.45 -14.46
CA GLN A 320 1.28 19.23 -15.90
C GLN A 320 1.02 17.81 -16.31
N ALA A 321 0.68 17.65 -17.58
CA ALA A 321 0.48 16.31 -18.13
C ALA A 321 1.74 15.43 -17.98
N ASP A 322 2.92 16.03 -18.01
CA ASP A 322 4.17 15.26 -17.95
C ASP A 322 4.52 14.78 -16.54
N GLY A 323 3.76 15.22 -15.54
CA GLY A 323 4.02 14.82 -14.17
C GLY A 323 4.94 15.73 -13.38
N ASP A 324 5.28 16.86 -13.96
CA ASP A 324 5.98 17.91 -13.22
C ASP A 324 5.02 19.07 -12.94
N PHE A 325 5.50 20.03 -12.14
CA PHE A 325 4.76 21.24 -11.78
C PHE A 325 5.29 22.45 -12.55
N ARG A 326 4.38 23.30 -12.98
CA ARG A 326 4.73 24.53 -13.65
C ARG A 326 5.56 25.47 -12.75
N PRO A 327 6.36 26.36 -13.37
CA PRO A 327 7.22 27.26 -12.61
C PRO A 327 6.48 28.11 -11.56
N GLU A 328 5.27 28.58 -11.88
CA GLU A 328 4.56 29.44 -10.93
C GLU A 328 4.24 28.67 -9.65
N GLU A 329 3.94 27.39 -9.80
CA GLU A 329 3.58 26.57 -8.66
C GLU A 329 4.80 26.18 -7.82
N LYS A 330 5.93 25.89 -8.48
CA LYS A 330 7.16 25.65 -7.74
C LYS A 330 7.54 26.89 -6.92
N ALA A 331 7.39 28.07 -7.53
CA ALA A 331 7.72 29.33 -6.85
C ALA A 331 6.81 29.54 -5.67
N MET A 332 5.50 29.27 -5.87
CA MET A 332 4.54 29.42 -4.79
C MET A 332 4.85 28.53 -3.60
N ALA A 333 5.08 27.25 -3.87
CA ALA A 333 5.33 26.30 -2.82
C ALA A 333 6.59 26.67 -2.02
N THR A 334 7.61 27.09 -2.75
CA THR A 334 8.90 27.46 -2.13
C THR A 334 8.76 28.70 -1.23
N ALA A 335 8.01 29.67 -1.72
CA ALA A 335 7.78 30.91 -0.94
C ALA A 335 6.96 30.68 0.31
N ILE A 336 5.90 29.90 0.17
CA ILE A 336 5.11 29.54 1.33
C ILE A 336 5.96 28.81 2.34
N GLY A 337 6.73 27.85 1.84
CA GLY A 337 7.54 27.06 2.76
C GLY A 337 8.53 27.89 3.56
N LYS A 338 9.12 28.86 2.90
CA LYS A 338 10.12 29.74 3.57
C LYS A 338 9.45 30.52 4.70
N TRP A 339 8.27 31.06 4.43
CA TRP A 339 7.51 31.82 5.44
C TRP A 339 7.04 30.94 6.59
N MET A 340 6.50 29.75 6.26
CA MET A 340 6.03 28.82 7.26
C MET A 340 7.17 28.32 8.18
N ASN A 341 8.36 28.16 7.62
CA ASN A 341 9.50 27.71 8.40
C ASN A 341 9.83 28.75 9.48
N ARG A 342 9.61 30.02 9.18
CA ARG A 342 9.90 31.09 10.12
C ARG A 342 8.76 31.38 11.09
N TYR A 343 7.53 31.33 10.58
CA TYR A 343 6.37 31.84 11.30
C TYR A 343 5.28 30.83 11.61
N GLY A 344 5.51 29.57 11.27
CA GLY A 344 4.52 28.53 11.40
C GLY A 344 4.04 28.19 12.76
N LYS A 345 4.77 28.61 13.80
CA LYS A 345 4.25 28.46 15.14
C LYS A 345 2.91 29.17 15.36
N ALA A 346 2.65 30.22 14.58
CA ALA A 346 1.40 30.97 14.65
C ALA A 346 0.30 30.40 13.74
N VAL A 347 0.59 29.27 13.07
CA VAL A 347 -0.35 28.64 12.16
C VAL A 347 -0.72 27.20 12.58
N TYR A 348 0.26 26.32 12.63
CA TYR A 348 0.03 24.95 13.00
C TYR A 348 -0.52 24.85 14.40
N ALA A 349 -1.57 24.03 14.57
CA ALA A 349 -2.22 23.81 15.86
C ALA A 349 -2.74 25.09 16.52
N CYS A 350 -3.03 26.11 15.72
CA CYS A 350 -3.57 27.37 16.22
C CYS A 350 -5.07 27.47 15.93
N ASP A 351 -5.70 28.48 16.51
CA ASP A 351 -7.15 28.65 16.40
C ASP A 351 -7.54 30.10 16.67
N TYR A 352 -8.81 30.34 16.66
CA TYR A 352 -9.44 31.65 16.92
C TYR A 352 -9.07 32.15 18.30
N ALA A 353 -8.71 33.45 18.39
CA ALA A 353 -8.20 34.02 19.64
C ALA A 353 -9.26 34.75 20.51
N GLY A 354 -10.43 35.06 19.95
CA GLY A 354 -11.48 35.76 20.64
C GLY A 354 -11.20 37.25 20.86
N PHE A 355 -10.32 37.86 20.05
CA PHE A 355 -10.01 39.30 20.16
C PHE A 355 -10.73 40.03 19.02
N GLU A 356 -11.10 41.28 19.26
CA GLU A 356 -11.62 42.13 18.21
CA GLU A 356 -11.62 42.11 18.20
C GLU A 356 -10.58 42.33 17.10
N LYS A 357 -11.04 42.22 15.86
CA LYS A 357 -10.21 42.34 14.70
C LYS A 357 -9.60 43.74 14.58
N GLN A 358 -8.30 43.79 14.26
CA GLN A 358 -7.58 45.03 13.99
C GLN A 358 -7.01 45.07 12.57
N ASP A 359 -6.74 46.29 12.07
CA ASP A 359 -6.42 46.47 10.67
C ASP A 359 -5.05 45.96 10.22
N TRP A 360 -4.13 45.77 11.17
CA TRP A 360 -2.76 45.40 10.85
C TRP A 360 -2.65 43.93 10.44
N GLY A 361 -3.67 43.14 10.70
CA GLY A 361 -3.57 41.70 10.40
C GLY A 361 -4.47 40.86 11.26
N TYR A 362 -3.97 39.69 11.66
CA TYR A 362 -4.78 38.69 12.32
C TYR A 362 -4.17 38.24 13.63
N TYR A 363 -5.02 37.90 14.58
CA TYR A 363 -4.59 37.16 15.75
C TYR A 363 -4.79 35.64 15.54
N THR A 364 -3.88 34.86 16.08
CA THR A 364 -4.13 33.40 16.26
C THR A 364 -3.76 33.04 17.70
N ARG A 365 -4.35 31.96 18.19
CA ARG A 365 -4.11 31.46 19.55
CA ARG A 365 -4.11 31.46 19.55
C ARG A 365 -3.50 30.06 19.51
N GLY A 366 -2.41 29.87 20.25
CA GLY A 366 -1.73 28.57 20.39
C GLY A 366 -2.36 27.69 21.45
N LYS A 367 -1.78 26.51 21.65
CA LYS A 367 -2.39 25.53 22.56
C LYS A 367 -2.17 25.87 24.02
N ASN A 368 -1.20 26.72 24.31
CA ASN A 368 -0.91 27.10 25.67
C ASN A 368 -1.17 28.60 25.93
N ASP A 369 -2.26 29.12 25.37
CA ASP A 369 -2.70 30.51 25.53
C ASP A 369 -1.76 31.57 24.95
N GLU A 370 -0.79 31.18 24.12
CA GLU A 370 -0.05 32.13 23.33
C GLU A 370 -1.04 32.87 22.41
N VAL A 371 -0.88 34.20 22.32
CA VAL A 371 -1.64 34.99 21.35
C VAL A 371 -0.63 35.58 20.36
N TYR A 372 -0.77 35.22 19.09
CA TYR A 372 0.12 35.69 18.05
C TYR A 372 -0.55 36.80 17.24
N MET A 373 0.20 37.87 17.03
CA MET A 373 -0.15 38.99 16.11
C MET A 373 0.60 38.76 14.82
N VAL A 374 -0.15 38.48 13.73
CA VAL A 374 0.43 38.27 12.43
C VAL A 374 0.13 39.53 11.59
N VAL A 375 1.19 40.30 11.36
CA VAL A 375 1.10 41.63 10.81
C VAL A 375 1.34 41.58 9.28
N PHE A 376 0.29 41.97 8.55
CA PHE A 376 0.31 42.08 7.08
C PHE A 376 0.30 43.52 6.56
N ASN A 377 -0.16 44.45 7.39
CA ASN A 377 -0.32 45.87 6.99
C ASN A 377 0.35 46.76 8.04
N GLN A 378 1.50 47.34 7.69
CA GLN A 378 2.38 47.98 8.66
C GLN A 378 1.93 49.42 8.87
N PRO A 379 1.52 49.77 10.11
CA PRO A 379 1.03 51.15 10.36
CA PRO A 379 1.01 51.16 10.28
C PRO A 379 2.12 52.20 10.27
N TYR A 380 1.85 53.29 9.53
CA TYR A 380 2.78 54.44 9.55
C TYR A 380 2.92 54.99 10.97
N SER A 381 1.91 54.81 11.81
CA SER A 381 2.02 55.27 13.22
C SER A 381 3.09 54.52 14.01
N GLU A 382 3.52 53.35 13.49
CA GLU A 382 4.49 52.48 14.17
C GLU A 382 3.96 51.90 15.46
N ARG A 383 2.64 51.86 15.54
CA ARG A 383 1.92 51.33 16.68
C ARG A 383 0.85 50.36 16.20
N LEU A 384 0.80 49.18 16.81
CA LEU A 384 -0.16 48.12 16.49
C LEU A 384 -1.20 48.09 17.62
N ILE A 385 -2.42 48.52 17.30
CA ILE A 385 -3.47 48.59 18.30
C ILE A 385 -3.91 47.20 18.75
N VAL A 386 -3.95 47.00 20.06
CA VAL A 386 -4.46 45.75 20.62
C VAL A 386 -5.54 46.11 21.65
N LYS A 387 -6.78 45.74 21.34
CA LYS A 387 -7.90 45.83 22.25
C LYS A 387 -8.16 44.45 22.82
N THR A 388 -8.02 44.31 24.14
CA THR A 388 -8.17 43.02 24.82
C THR A 388 -9.62 42.79 25.28
N PRO A 389 -10.07 41.54 25.26
CA PRO A 389 -11.35 41.24 25.89
C PRO A 389 -11.34 41.59 27.40
N LYS A 390 -12.53 41.66 27.96
CA LYS A 390 -12.69 41.89 29.40
C LYS A 390 -11.85 40.93 30.23
N GLY A 391 -11.10 41.45 31.18
CA GLY A 391 -10.33 40.59 32.10
C GLY A 391 -9.00 40.13 31.58
N ILE A 392 -8.65 40.51 30.34
CA ILE A 392 -7.40 40.09 29.75
C ILE A 392 -6.40 41.23 29.73
N THR A 393 -5.18 40.99 30.18
CA THR A 393 -4.11 41.98 30.08
C THR A 393 -2.94 41.42 29.29
N VAL A 394 -2.17 42.32 28.67
CA VAL A 394 -0.97 41.96 27.95
C VAL A 394 0.23 42.17 28.84
N GLU A 395 0.96 41.11 29.14
CA GLU A 395 2.14 41.21 30.00
C GLU A 395 3.44 41.36 29.29
N LYS A 396 3.53 40.90 28.05
CA LYS A 396 4.78 40.94 27.31
C LYS A 396 4.45 40.80 25.83
N ALA A 397 5.29 41.39 24.98
CA ALA A 397 5.30 41.19 23.55
C ALA A 397 6.74 40.88 23.10
N THR A 398 6.88 39.89 22.21
CA THR A 398 8.15 39.40 21.74
C THR A 398 8.12 39.19 20.24
N LEU A 399 9.15 39.63 19.54
CA LEU A 399 9.28 39.32 18.12
C LEU A 399 9.62 37.83 17.98
N LEU A 400 8.78 37.10 17.25
CA LEU A 400 8.87 35.62 17.23
C LEU A 400 10.22 35.17 16.75
N THR A 401 10.72 35.74 15.66
CA THR A 401 11.95 35.23 15.04
C THR A 401 13.18 35.44 15.91
N THR A 402 13.29 36.59 16.57
CA THR A 402 14.55 36.98 17.25
C THR A 402 14.48 36.94 18.78
N GLY A 403 13.28 36.87 19.35
CA GLY A 403 13.13 37.04 20.79
C GLY A 403 13.26 38.51 21.27
N GLU A 404 13.35 39.48 20.38
CA GLU A 404 13.40 40.96 20.71
C GLU A 404 12.20 41.30 21.60
N ASP A 405 12.42 41.97 22.72
CA ASP A 405 11.32 42.43 23.53
C ASP A 405 10.69 43.64 22.82
N ILE A 406 9.37 43.71 22.83
CA ILE A 406 8.63 44.76 22.09
C ILE A 406 7.87 45.56 23.13
N THR A 407 7.95 46.88 23.04
CA THR A 407 7.27 47.74 24.00
C THR A 407 5.76 47.73 23.87
N VAL A 408 5.10 47.61 25.01
CA VAL A 408 3.65 47.60 25.14
C VAL A 408 3.26 48.78 26.01
N VAL A 409 2.39 49.66 25.49
CA VAL A 409 1.93 50.86 26.22
C VAL A 409 0.42 50.81 26.36
N GLU A 410 -0.08 50.96 27.58
CA GLU A 410 -1.51 51.09 27.78
C GLU A 410 -2.00 52.47 27.34
N THR A 411 -3.02 52.53 26.51
CA THR A 411 -3.50 53.81 25.98
C THR A 411 -4.85 54.17 26.56
N THR A 412 -5.69 53.17 26.85
CA THR A 412 -7.02 53.33 27.48
C THR A 412 -7.28 52.06 28.33
N ARG A 413 -8.45 52.03 29.00
CA ARG A 413 -8.82 50.90 29.87
C ARG A 413 -8.72 49.52 29.23
N ASN A 414 -9.06 49.39 27.96
CA ASN A 414 -8.96 48.01 27.38
C ASN A 414 -8.06 47.94 26.13
N GLU A 415 -7.15 48.89 26.01
CA GLU A 415 -6.38 49.03 24.78
C GLU A 415 -4.91 49.31 25.05
N TYR A 416 -4.08 48.72 24.20
CA TYR A 416 -2.67 48.98 24.17
C TYR A 416 -2.20 49.39 22.75
N ASN A 417 -1.08 50.09 22.72
CA ASN A 417 -0.23 50.19 21.54
C ASN A 417 0.94 49.22 21.71
N VAL A 418 1.05 48.25 20.83
CA VAL A 418 2.21 47.38 20.76
C VAL A 418 3.08 47.98 19.69
N SER A 419 4.32 48.32 20.03
CA SER A 419 5.22 48.90 19.07
CA SER A 419 5.24 48.90 19.07
C SER A 419 5.55 47.93 17.92
N VAL A 420 5.77 48.46 16.72
CA VAL A 420 6.38 47.66 15.65
C VAL A 420 7.83 47.37 16.05
N PRO A 421 8.46 46.39 15.43
CA PRO A 421 9.90 46.13 15.73
C PRO A 421 10.81 47.28 15.35
N LYS A 422 11.97 47.34 16.01
CA LYS A 422 12.92 48.43 15.78
C LYS A 422 13.29 48.51 14.32
N LYS A 423 13.45 47.36 13.68
CA LYS A 423 13.73 47.25 12.25
CA LYS A 423 13.69 47.33 12.24
C LYS A 423 12.52 46.63 11.53
N ASN A 424 12.04 47.27 10.47
CA ASN A 424 10.92 46.74 9.67
C ASN A 424 11.28 45.34 9.15
N PRO A 425 10.48 44.31 9.51
CA PRO A 425 10.86 42.96 9.04
C PRO A 425 10.85 42.76 7.53
N GLY A 426 10.16 43.62 6.79
CA GLY A 426 10.17 43.54 5.34
C GLY A 426 9.28 42.46 4.73
N GLU A 427 8.42 41.86 5.55
CA GLU A 427 7.53 40.78 5.14
C GLU A 427 6.49 40.65 6.24
N PRO A 428 5.37 39.96 5.99
CA PRO A 428 4.47 39.70 7.12
C PRO A 428 5.17 38.97 8.26
N TYR A 429 4.92 39.38 9.49
CA TYR A 429 5.70 38.97 10.62
C TYR A 429 4.84 38.72 11.84
N VAL A 430 5.42 38.07 12.84
CA VAL A 430 4.72 37.67 14.05
C VAL A 430 5.31 38.28 15.32
N ILE A 431 4.43 38.85 16.12
CA ILE A 431 4.72 39.25 17.52
C ILE A 431 3.91 38.35 18.40
N GLN A 432 4.58 37.68 19.33
CA GLN A 432 3.93 36.85 20.28
C GLN A 432 3.63 37.61 21.58
N LEU A 433 2.38 37.52 22.01
CA LEU A 433 1.93 38.11 23.27
C LEU A 433 1.84 37.06 24.39
N LYS A 434 2.28 37.47 25.57
CA LYS A 434 1.90 36.78 26.80
C LYS A 434 0.76 37.53 27.43
N VAL A 435 -0.36 36.85 27.59
CA VAL A 435 -1.54 37.46 28.16
C VAL A 435 -1.93 36.79 29.46
N ARG A 436 -2.70 37.49 30.29
CA ARG A 436 -3.15 36.97 31.58
C ARG A 436 -4.62 37.24 31.71
N ALA A 437 -5.36 36.24 32.16
CA ALA A 437 -6.80 36.35 32.39
C ALA A 437 -7.03 36.54 33.88
N ALA A 438 -7.85 37.53 34.23
CA ALA A 438 -8.18 37.83 35.64
C ALA A 438 -8.85 36.64 36.32
N LYS A 439 -8.53 36.43 37.59
CA LYS A 439 -9.03 35.30 38.40
C LYS A 439 -10.41 35.61 38.98
N GLU B 1 -21.46 -35.63 -0.90
CA GLU B 1 -20.99 -34.20 -0.74
C GLU B 1 -21.37 -33.66 0.63
N ILE B 2 -20.37 -33.23 1.39
CA ILE B 2 -20.60 -32.52 2.64
C ILE B 2 -20.78 -31.06 2.27
N PRO B 3 -21.93 -30.45 2.62
CA PRO B 3 -22.11 -29.02 2.27
C PRO B 3 -21.16 -28.13 3.08
N LEU B 4 -20.51 -27.20 2.41
CA LEU B 4 -19.53 -26.33 3.09
C LEU B 4 -19.67 -24.90 2.63
N LYS B 5 -19.55 -23.97 3.57
CA LYS B 5 -19.44 -22.56 3.25
C LYS B 5 -17.99 -22.09 3.04
N TYR B 6 -17.03 -22.78 3.65
CA TYR B 6 -15.63 -22.33 3.72
C TYR B 6 -14.65 -23.37 3.16
N GLY B 7 -15.12 -24.22 2.25
CA GLY B 7 -14.25 -25.16 1.54
C GLY B 7 -13.66 -24.58 0.28
N ALA B 8 -13.25 -25.44 -0.65
CA ALA B 8 -12.53 -25.02 -1.85
C ALA B 8 -13.28 -24.01 -2.69
N THR B 9 -12.51 -23.15 -3.36
CA THR B 9 -13.02 -22.12 -4.26
C THR B 9 -12.62 -22.39 -5.74
N ASN B 10 -11.37 -22.77 -6.00
CA ASN B 10 -10.96 -23.15 -7.35
C ASN B 10 -11.43 -24.62 -7.63
N GLU B 11 -11.84 -24.86 -8.86
CA GLU B 11 -12.02 -26.21 -9.38
C GLU B 11 -10.89 -26.40 -10.40
N GLY B 12 -9.91 -27.27 -10.11
CA GLY B 12 -8.77 -27.43 -11.00
C GLY B 12 -7.75 -26.30 -10.86
N LYS B 13 -6.73 -26.32 -11.71
CA LYS B 13 -5.65 -25.32 -11.65
C LYS B 13 -6.13 -23.95 -12.14
N ARG B 14 -5.68 -22.89 -11.48
CA ARG B 14 -5.84 -21.55 -12.07
C ARG B 14 -5.01 -21.45 -13.33
N GLN B 15 -5.58 -20.83 -14.37
CA GLN B 15 -4.82 -20.61 -15.58
C GLN B 15 -4.79 -19.14 -16.01
N ASP B 16 -5.07 -18.23 -15.08
CA ASP B 16 -4.82 -16.81 -15.34
C ASP B 16 -3.30 -16.54 -15.42
N PRO B 17 -2.89 -15.45 -16.05
CA PRO B 17 -1.47 -15.17 -16.21
C PRO B 17 -0.67 -15.10 -14.89
N ALA B 18 -1.26 -14.59 -13.81
CA ALA B 18 -0.52 -14.47 -12.54
C ALA B 18 -0.19 -15.87 -12.02
N MET B 19 -1.14 -16.80 -12.08
CA MET B 19 -0.83 -18.18 -11.68
C MET B 19 0.16 -18.88 -12.61
N GLN B 20 0.05 -18.61 -13.91
CA GLN B 20 0.97 -19.19 -14.88
C GLN B 20 2.39 -18.73 -14.60
N LYS B 21 2.52 -17.48 -14.20
CA LYS B 21 3.84 -16.94 -13.79
C LYS B 21 4.38 -17.61 -12.50
N PHE B 22 3.51 -17.76 -11.49
CA PHE B 22 3.88 -18.41 -10.22
C PHE B 22 4.47 -19.78 -10.52
N ARG B 23 3.78 -20.50 -11.41
CA ARG B 23 4.14 -21.86 -11.81
C ARG B 23 5.41 -21.86 -12.62
N ASP B 24 5.44 -21.06 -13.68
CA ASP B 24 6.55 -21.06 -14.62
C ASP B 24 7.87 -20.66 -13.95
N ASN B 25 7.78 -19.79 -12.94
CA ASN B 25 8.98 -19.42 -12.17
C ASN B 25 9.80 -20.66 -11.72
N ARG B 26 9.08 -21.63 -11.17
CA ARG B 26 9.57 -22.96 -10.67
C ARG B 26 10.56 -22.98 -9.52
N LEU B 27 11.63 -22.18 -9.57
CA LEU B 27 12.68 -22.20 -8.56
C LEU B 27 12.62 -20.89 -7.76
N GLY B 28 12.44 -21.04 -6.45
CA GLY B 28 12.50 -19.93 -5.54
C GLY B 28 13.56 -20.10 -4.46
N ALA B 29 13.78 -18.98 -3.75
CA ALA B 29 14.47 -19.03 -2.47
C ALA B 29 13.56 -18.55 -1.35
N PHE B 30 13.83 -19.03 -0.14
CA PHE B 30 13.12 -18.63 1.08
C PHE B 30 14.15 -17.84 1.93
N ILE B 31 13.69 -16.76 2.55
CA ILE B 31 14.44 -16.02 3.55
C ILE B 31 13.74 -16.10 4.89
N HIS B 32 14.43 -16.70 5.86
CA HIS B 32 14.01 -16.65 7.28
C HIS B 32 14.95 -15.72 7.99
N TRP B 33 14.47 -14.53 8.31
CA TRP B 33 15.24 -13.53 9.02
C TRP B 33 14.39 -12.81 10.07
N GLY B 34 14.85 -12.88 11.33
CA GLY B 34 14.16 -12.29 12.45
C GLY B 34 15.08 -12.27 13.64
N LEU B 35 14.51 -12.00 14.82
CA LEU B 35 15.36 -11.82 16.02
C LEU B 35 16.16 -13.05 16.40
N TYR B 36 15.61 -14.23 16.09
CA TYR B 36 16.30 -15.51 16.27
C TYR B 36 17.67 -15.61 15.63
N ALA B 37 17.97 -14.77 14.63
CA ALA B 37 19.30 -14.75 14.04
C ALA B 37 20.40 -14.27 14.98
N ILE B 38 20.05 -13.45 15.96
CA ILE B 38 21.02 -12.90 16.93
C ILE B 38 21.58 -14.00 17.84
N PRO B 39 20.71 -14.75 18.58
CA PRO B 39 21.27 -15.84 19.37
C PRO B 39 21.72 -17.06 18.58
N GLY B 40 21.13 -17.26 17.38
CA GLY B 40 21.57 -18.34 16.49
C GLY B 40 21.56 -19.72 17.10
N GLY B 41 20.53 -20.02 17.89
CA GLY B 41 20.33 -21.33 18.51
C GLY B 41 20.93 -21.49 19.91
N GLU B 42 21.61 -20.45 20.39
CA GLU B 42 22.25 -20.50 21.72
C GLU B 42 21.59 -19.51 22.66
N TRP B 43 21.31 -19.95 23.89
CA TRP B 43 20.76 -19.02 24.90
C TRP B 43 21.43 -19.25 26.26
N ASN B 44 21.93 -18.18 26.87
CA ASN B 44 22.61 -18.26 28.19
C ASN B 44 23.67 -19.36 28.22
N GLY B 45 24.43 -19.47 27.13
CA GLY B 45 25.56 -20.37 27.06
C GLY B 45 25.27 -21.78 26.65
N LYS B 46 24.00 -22.10 26.38
CA LYS B 46 23.57 -23.43 26.02
C LYS B 46 23.11 -23.46 24.57
N VAL B 47 23.68 -24.36 23.79
CA VAL B 47 23.25 -24.51 22.36
C VAL B 47 22.13 -25.53 22.26
N TYR B 48 21.01 -25.16 21.66
CA TYR B 48 19.87 -26.07 21.50
C TYR B 48 19.82 -26.59 20.06
N GLY B 49 19.59 -27.89 19.91
CA GLY B 49 19.59 -28.54 18.58
C GLY B 49 18.32 -28.31 17.76
N GLY B 50 17.23 -27.94 18.41
CA GLY B 50 15.98 -27.65 17.68
C GLY B 50 16.16 -26.46 16.72
N ALA B 51 15.19 -26.31 15.83
CA ALA B 51 15.18 -25.21 14.85
C ALA B 51 15.40 -23.87 15.55
N ALA B 52 16.39 -23.13 15.04
CA ALA B 52 16.79 -21.86 15.66
C ALA B 52 15.68 -20.83 15.77
N GLU B 53 14.76 -20.79 14.80
CA GLU B 53 13.66 -19.84 14.86
C GLU B 53 12.64 -20.14 15.97
N TRP B 54 12.74 -21.33 16.59
CA TRP B 54 11.94 -21.75 17.72
C TRP B 54 12.71 -21.67 19.06
N LEU B 55 13.87 -21.03 19.08
CA LEU B 55 14.65 -20.93 20.31
C LEU B 55 13.93 -20.34 21.48
N LYS B 56 13.04 -19.37 21.23
CA LYS B 56 12.23 -18.84 22.32
C LYS B 56 11.56 -19.97 23.08
N SER B 57 11.07 -21.00 22.36
CA SER B 57 10.41 -22.14 22.98
C SER B 57 11.42 -23.09 23.66
N TRP B 58 12.50 -23.44 22.97
CA TRP B 58 13.46 -24.44 23.53
C TRP B 58 14.06 -23.93 24.82
N ALA B 59 14.38 -22.64 24.84
CA ALA B 59 15.01 -22.04 26.00
C ALA B 59 14.06 -21.40 27.02
N LYS B 60 12.76 -21.54 26.79
CA LYS B 60 11.73 -21.05 27.69
C LYS B 60 11.93 -19.55 27.97
N VAL B 61 12.06 -18.75 26.90
CA VAL B 61 12.30 -17.33 27.08
C VAL B 61 10.95 -16.59 27.10
N PRO B 62 10.65 -15.84 28.19
CA PRO B 62 9.44 -15.03 28.16
C PRO B 62 9.46 -14.01 27.01
N ALA B 63 8.28 -13.68 26.49
CA ALA B 63 8.13 -12.73 25.41
C ALA B 63 8.85 -11.40 25.62
N ASP B 64 8.74 -10.78 26.81
CA ASP B 64 9.37 -9.49 27.04
CA ASP B 64 9.37 -9.48 27.00
C ASP B 64 10.88 -9.59 26.86
N GLU B 65 11.44 -10.66 27.41
CA GLU B 65 12.87 -10.89 27.36
C GLU B 65 13.36 -11.21 25.91
N TRP B 66 12.62 -12.06 25.24
CA TRP B 66 12.94 -12.43 23.85
C TRP B 66 12.94 -11.16 22.95
N LEU B 67 11.90 -10.37 23.09
CA LEU B 67 11.75 -9.19 22.24
C LEU B 67 12.73 -8.06 22.49
N LYS B 68 13.43 -8.09 23.65
CA LYS B 68 14.53 -7.19 23.92
C LYS B 68 15.72 -7.39 22.99
N LEU B 69 15.73 -8.52 22.26
CA LEU B 69 16.70 -8.70 21.18
C LEU B 69 16.64 -7.58 20.15
N MET B 70 15.48 -6.93 20.05
CA MET B 70 15.35 -5.76 19.21
C MET B 70 16.42 -4.69 19.46
N ASP B 71 16.85 -4.55 20.70
CA ASP B 71 17.92 -3.64 21.03
C ASP B 71 19.27 -3.97 20.39
N GLN B 72 19.47 -5.23 19.96
CA GLN B 72 20.65 -5.68 19.28
C GLN B 72 20.46 -5.82 17.75
N TRP B 73 19.30 -5.45 17.24
CA TRP B 73 19.02 -5.61 15.82
C TRP B 73 19.63 -4.45 15.07
N ASN B 74 20.79 -4.68 14.50
CA ASN B 74 21.51 -3.70 13.77
C ASN B 74 22.39 -4.33 12.68
N PRO B 75 21.75 -4.86 11.64
CA PRO B 75 22.48 -5.60 10.61
C PRO B 75 23.26 -4.68 9.68
N THR B 76 24.45 -4.26 10.13
CA THR B 76 25.21 -3.29 9.38
C THR B 76 25.75 -3.77 8.02
N LYS B 77 25.84 -5.07 7.78
CA LYS B 77 26.25 -5.58 6.48
C LYS B 77 25.09 -5.79 5.51
N PHE B 78 23.87 -5.58 5.97
CA PHE B 78 22.70 -5.71 5.09
C PHE B 78 22.77 -4.77 3.88
N ASP B 79 22.52 -5.33 2.71
CA ASP B 79 22.46 -4.56 1.47
C ASP B 79 21.49 -5.28 0.53
N ALA B 80 20.30 -4.72 0.41
CA ALA B 80 19.24 -5.39 -0.33
C ALA B 80 19.65 -5.66 -1.77
N LYS B 81 20.40 -4.74 -2.37
CA LYS B 81 20.86 -4.96 -3.74
C LYS B 81 21.77 -6.17 -3.86
N LYS B 82 22.63 -6.36 -2.87
CA LYS B 82 23.49 -7.54 -2.85
C LYS B 82 22.69 -8.83 -2.68
N TRP B 83 21.70 -8.80 -1.80
CA TRP B 83 20.81 -9.95 -1.60
C TRP B 83 20.15 -10.28 -2.94
N ALA B 84 19.63 -9.28 -3.65
CA ALA B 84 18.94 -9.54 -4.89
C ALA B 84 19.89 -10.06 -5.97
N LYS B 85 21.13 -9.57 -5.97
CA LYS B 85 22.15 -10.06 -6.89
C LYS B 85 22.49 -11.54 -6.62
N MET B 86 22.58 -11.88 -5.36
CA MET B 86 22.82 -13.29 -4.97
C MET B 86 21.67 -14.19 -5.47
N ALA B 87 20.42 -13.75 -5.26
CA ALA B 87 19.28 -14.50 -5.76
C ALA B 87 19.27 -14.64 -7.30
N LYS B 88 19.59 -13.54 -7.99
CA LYS B 88 19.64 -13.54 -9.42
C LYS B 88 20.71 -14.51 -9.93
N GLU B 89 21.88 -14.45 -9.35
CA GLU B 89 22.97 -15.33 -9.77
C GLU B 89 22.67 -16.81 -9.47
N MET B 90 21.94 -17.09 -8.41
CA MET B 90 21.47 -18.47 -8.10
C MET B 90 20.49 -18.99 -9.15
N GLY B 91 19.84 -18.09 -9.91
CA GLY B 91 18.83 -18.51 -10.85
C GLY B 91 17.41 -18.58 -10.27
N THR B 92 17.20 -18.01 -9.08
CA THR B 92 15.83 -17.99 -8.52
C THR B 92 14.96 -17.00 -9.29
N LYS B 93 13.69 -17.35 -9.49
CA LYS B 93 12.75 -16.43 -10.14
C LYS B 93 11.82 -15.72 -9.16
N TYR B 94 11.88 -16.15 -7.91
CA TYR B 94 11.11 -15.55 -6.84
C TYR B 94 11.75 -15.80 -5.50
N VAL B 95 11.44 -14.93 -4.56
CA VAL B 95 11.91 -15.07 -3.17
C VAL B 95 10.73 -14.90 -2.22
N LYS B 96 10.60 -15.84 -1.29
CA LYS B 96 9.62 -15.82 -0.21
C LYS B 96 10.29 -15.31 1.05
N ILE B 97 9.72 -14.30 1.70
CA ILE B 97 10.34 -13.62 2.83
C ILE B 97 9.49 -13.66 4.07
N THR B 98 10.10 -14.01 5.22
CA THR B 98 9.41 -13.94 6.49
C THR B 98 9.09 -12.48 6.88
N THR B 99 7.84 -12.06 6.74
CA THR B 99 7.45 -10.72 7.14
C THR B 99 7.31 -10.62 8.66
N LYS B 100 6.92 -11.73 9.28
CA LYS B 100 6.72 -11.84 10.72
C LYS B 100 6.66 -13.37 11.01
N HIS B 101 7.58 -13.86 11.83
CA HIS B 101 7.54 -15.28 12.27
C HIS B 101 6.80 -15.41 13.61
N HIS B 102 6.83 -16.60 14.23
CA HIS B 102 6.05 -16.83 15.43
C HIS B 102 6.40 -15.83 16.52
N GLU B 103 7.67 -15.46 16.61
CA GLU B 103 8.13 -14.51 17.60
C GLU B 103 7.38 -13.17 17.57
N GLY B 104 6.87 -12.78 16.40
CA GLY B 104 6.02 -11.60 16.29
C GLY B 104 6.71 -10.32 15.89
N PHE B 105 8.03 -10.37 15.71
CA PHE B 105 8.83 -9.25 15.24
C PHE B 105 8.62 -9.05 13.74
N CYS B 106 8.19 -7.83 13.39
CA CYS B 106 7.87 -7.46 12.00
C CYS B 106 9.03 -6.81 11.25
N LEU B 107 9.27 -7.32 10.04
CA LEU B 107 10.35 -6.81 9.17
C LEU B 107 9.93 -5.53 8.41
N TRP B 108 8.69 -5.11 8.63
CA TRP B 108 8.15 -3.83 8.10
C TRP B 108 7.61 -3.02 9.27
N PRO B 109 7.47 -1.69 9.08
CA PRO B 109 7.14 -0.83 10.23
C PRO B 109 5.63 -0.82 10.52
N SER B 110 5.11 -1.95 11.03
CA SER B 110 3.68 -2.10 11.33
C SER B 110 3.22 -1.04 12.34
N LYS B 111 2.00 -0.53 12.15
CA LYS B 111 1.40 0.42 13.11
C LYS B 111 0.55 -0.27 14.14
N TYR B 112 0.51 -1.61 14.11
CA TYR B 112 -0.36 -2.36 14.99
C TYR B 112 0.38 -3.08 16.09
N THR B 113 1.70 -2.87 16.15
CA THR B 113 2.53 -3.41 17.22
C THR B 113 3.74 -2.58 17.32
N LYS B 114 4.34 -2.56 18.52
CA LYS B 114 5.64 -1.94 18.68
C LYS B 114 6.81 -2.85 18.34
N TYR B 115 6.54 -4.14 18.11
CA TYR B 115 7.62 -5.08 17.87
C TYR B 115 7.97 -5.12 16.38
N THR B 116 8.66 -4.09 15.92
CA THR B 116 9.01 -3.93 14.49
C THR B 116 10.38 -3.37 14.32
N VAL B 117 10.86 -3.50 13.09
CA VAL B 117 12.13 -2.93 12.66
C VAL B 117 12.28 -1.41 12.93
N ALA B 118 11.17 -0.68 12.99
CA ALA B 118 11.24 0.75 13.23
C ALA B 118 11.80 1.04 14.61
N ASN B 119 11.53 0.15 15.56
CA ASN B 119 11.94 0.34 16.95
C ASN B 119 13.20 -0.47 17.33
N THR B 120 14.14 -0.49 16.41
CA THR B 120 15.45 -1.11 16.57
C THR B 120 16.45 -0.05 16.21
N PRO B 121 17.73 -0.26 16.57
CA PRO B 121 18.76 0.68 16.12
C PRO B 121 18.80 0.86 14.61
N TYR B 122 18.50 -0.18 13.84
CA TYR B 122 18.61 -0.09 12.39
C TYR B 122 17.53 0.80 11.75
N LYS B 123 16.34 0.78 12.33
CA LYS B 123 15.19 1.64 11.99
C LYS B 123 14.50 1.38 10.65
N ARG B 124 15.27 0.92 9.68
CA ARG B 124 14.82 0.93 8.27
C ARG B 124 13.82 -0.19 7.98
N ASP B 125 13.00 0.09 6.97
CA ASP B 125 12.00 -0.86 6.46
C ASP B 125 12.69 -1.93 5.59
N ILE B 126 13.27 -2.91 6.27
CA ILE B 126 13.93 -4.04 5.59
C ILE B 126 13.04 -4.69 4.51
N LEU B 127 11.79 -4.93 4.84
CA LEU B 127 10.91 -5.61 3.88
C LEU B 127 10.76 -4.77 2.61
N GLY B 128 10.48 -3.49 2.78
CA GLY B 128 10.35 -2.60 1.65
C GLY B 128 11.62 -2.53 0.80
N GLU B 129 12.77 -2.50 1.45
CA GLU B 129 14.05 -2.46 0.73
C GLU B 129 14.23 -3.75 -0.09
N LEU B 130 13.87 -4.90 0.47
CA LEU B 130 14.00 -6.16 -0.24
C LEU B 130 13.02 -6.27 -1.40
N VAL B 131 11.79 -5.85 -1.19
CA VAL B 131 10.79 -5.87 -2.27
C VAL B 131 11.34 -5.10 -3.49
N LYS B 132 11.81 -3.88 -3.27
CA LYS B 132 12.36 -3.03 -4.34
CA LYS B 132 12.32 -3.08 -4.39
C LYS B 132 13.54 -3.71 -5.04
N ALA B 133 14.47 -4.19 -4.23
CA ALA B 133 15.72 -4.76 -4.80
C ALA B 133 15.46 -6.06 -5.60
N TYR B 134 14.66 -6.94 -5.04
CA TYR B 134 14.30 -8.16 -5.82
C TYR B 134 13.52 -7.83 -7.12
N ASN B 135 12.54 -6.94 -7.00
CA ASN B 135 11.76 -6.53 -8.14
C ASN B 135 12.61 -5.86 -9.22
N ASP B 136 13.60 -5.07 -8.80
CA ASP B 136 14.53 -4.44 -9.75
C ASP B 136 15.34 -5.45 -10.55
N GLU B 137 15.53 -6.66 -9.97
CA GLU B 137 16.20 -7.76 -10.66
C GLU B 137 15.23 -8.67 -11.45
N GLY B 138 13.95 -8.31 -11.54
CA GLY B 138 12.97 -9.11 -12.22
C GLY B 138 12.56 -10.35 -11.43
N ILE B 139 12.72 -10.29 -10.12
CA ILE B 139 12.39 -11.41 -9.20
C ILE B 139 11.10 -11.08 -8.45
N ASP B 140 10.12 -11.98 -8.55
CA ASP B 140 8.88 -11.87 -7.82
C ASP B 140 9.10 -12.06 -6.31
N VAL B 141 8.29 -11.37 -5.51
CA VAL B 141 8.37 -11.48 -4.06
C VAL B 141 7.06 -12.05 -3.49
N HIS B 142 7.21 -13.03 -2.62
CA HIS B 142 6.14 -13.68 -1.88
C HIS B 142 6.36 -13.41 -0.39
N PHE B 143 5.25 -13.33 0.34
CA PHE B 143 5.30 -13.03 1.81
C PHE B 143 4.89 -14.20 2.63
N TYR B 144 5.84 -14.71 3.42
CA TYR B 144 5.53 -15.59 4.53
C TYR B 144 4.90 -14.78 5.66
N PHE B 145 3.87 -15.32 6.31
CA PHE B 145 3.25 -14.64 7.42
C PHE B 145 2.81 -15.70 8.44
N SER B 146 3.25 -15.55 9.71
CA SER B 146 2.78 -16.42 10.78
C SER B 146 1.51 -15.87 11.46
N VAL B 147 0.41 -16.61 11.40
CA VAL B 147 -0.80 -16.23 12.15
C VAL B 147 -0.51 -16.30 13.66
N MET B 148 -0.05 -17.46 14.14
CA MET B 148 0.40 -17.60 15.51
C MET B 148 1.44 -16.53 15.83
N ASP B 149 1.27 -15.88 16.96
CA ASP B 149 2.12 -14.76 17.32
C ASP B 149 2.34 -14.77 18.82
N TRP B 150 3.58 -15.11 19.19
CA TRP B 150 3.98 -15.24 20.59
C TRP B 150 4.14 -13.91 21.33
N SER B 151 4.08 -12.78 20.59
CA SER B 151 4.24 -11.44 21.18
C SER B 151 2.89 -10.82 21.59
N ASN B 152 1.79 -11.39 21.13
CA ASN B 152 0.45 -10.82 21.35
C ASN B 152 -0.34 -11.72 22.29
N PRO B 153 -0.66 -11.21 23.49
CA PRO B 153 -1.30 -12.05 24.50
C PRO B 153 -2.74 -12.40 24.19
N ASP B 154 -3.32 -11.79 23.14
CA ASP B 154 -4.64 -12.19 22.66
C ASP B 154 -4.66 -13.47 21.83
N TYR B 155 -3.49 -13.97 21.40
CA TYR B 155 -3.47 -15.27 20.76
C TYR B 155 -3.99 -16.35 21.70
N ARG B 156 -4.65 -17.34 21.10
CA ARG B 156 -5.08 -18.54 21.82
C ARG B 156 -4.75 -19.75 20.99
N TYR B 157 -4.36 -20.82 21.68
CA TYR B 157 -4.11 -22.12 21.07
C TYR B 157 -5.38 -22.90 20.86
N ASP B 158 -6.35 -22.68 21.74
CA ASP B 158 -7.68 -23.30 21.62
C ASP B 158 -8.64 -22.34 22.30
N ILE B 159 -9.92 -22.52 22.00
CA ILE B 159 -10.99 -21.67 22.59
C ILE B 159 -11.78 -22.52 23.60
N LYS B 160 -11.64 -22.18 24.88
CA LYS B 160 -12.27 -22.98 25.94
C LYS B 160 -13.20 -22.14 26.87
N SER B 161 -13.45 -20.88 26.51
CA SER B 161 -14.24 -19.95 27.33
C SER B 161 -14.71 -18.78 26.48
N LYS B 162 -15.68 -18.02 26.99
CA LYS B 162 -16.14 -16.80 26.35
C LYS B 162 -15.02 -15.79 26.28
N GLU B 163 -14.20 -15.71 27.33
CA GLU B 163 -13.05 -14.81 27.38
C GLU B 163 -12.03 -15.13 26.25
N ASP B 164 -11.78 -16.43 26.04
CA ASP B 164 -10.90 -16.87 24.96
C ASP B 164 -11.45 -16.41 23.61
N SER B 165 -12.75 -16.58 23.43
CA SER B 165 -13.39 -16.23 22.18
C SER B 165 -13.29 -14.70 21.91
N ILE B 166 -13.48 -13.89 22.93
CA ILE B 166 -13.37 -12.44 22.81
C ILE B 166 -11.92 -11.98 22.51
N ALA B 167 -10.96 -12.55 23.21
CA ALA B 167 -9.55 -12.25 22.97
C ALA B 167 -9.15 -12.64 21.54
N PHE B 168 -9.56 -13.84 21.12
CA PHE B 168 -9.14 -14.36 19.83
C PHE B 168 -9.76 -13.52 18.72
N SER B 169 -11.01 -13.05 18.91
CA SER B 169 -11.61 -12.15 17.94
CA SER B 169 -11.63 -12.14 17.95
C SER B 169 -10.80 -10.87 17.74
N ARG B 170 -10.30 -10.31 18.82
CA ARG B 170 -9.44 -9.14 18.76
C ARG B 170 -8.15 -9.50 18.00
N PHE B 171 -7.62 -10.68 18.31
CA PHE B 171 -6.41 -11.16 17.67
C PHE B 171 -6.56 -11.28 16.16
N LEU B 172 -7.69 -11.82 15.72
CA LEU B 172 -7.94 -11.95 14.29
C LEU B 172 -8.06 -10.59 13.61
N GLU B 173 -8.67 -9.63 14.26
CA GLU B 173 -8.74 -8.28 13.73
C GLU B 173 -7.35 -7.65 13.58
N PHE B 174 -6.54 -7.80 14.62
CA PHE B 174 -5.11 -7.40 14.62
C PHE B 174 -4.39 -8.04 13.42
N THR B 175 -4.61 -9.35 13.26
CA THR B 175 -4.04 -10.07 12.12
C THR B 175 -4.48 -9.46 10.77
N ASP B 176 -5.79 -9.24 10.61
CA ASP B 176 -6.29 -8.62 9.39
C ASP B 176 -5.60 -7.28 9.13
N ASN B 177 -5.45 -6.49 10.18
CA ASN B 177 -4.87 -5.16 10.05
C ASN B 177 -3.42 -5.20 9.54
N GLN B 178 -2.63 -6.14 10.06
CA GLN B 178 -1.27 -6.33 9.56
C GLN B 178 -1.26 -6.82 8.10
N LEU B 179 -2.14 -7.77 7.76
CA LEU B 179 -2.22 -8.29 6.40
C LEU B 179 -2.58 -7.17 5.41
N LYS B 180 -3.52 -6.33 5.83
CA LYS B 180 -3.91 -5.17 4.99
C LYS B 180 -2.75 -4.19 4.78
N GLU B 181 -1.94 -3.96 5.84
CA GLU B 181 -0.73 -3.18 5.67
C GLU B 181 0.19 -3.76 4.61
N LEU B 182 0.44 -5.08 4.75
CA LEU B 182 1.33 -5.73 3.81
C LEU B 182 0.86 -5.65 2.35
N ALA B 183 -0.43 -5.92 2.14
CA ALA B 183 -1.03 -5.98 0.83
C ALA B 183 -1.08 -4.61 0.11
N THR B 184 -1.15 -3.57 0.90
CA THR B 184 -1.30 -2.21 0.38
C THR B 184 0.01 -1.40 0.34
N ARG B 185 0.86 -1.58 1.36
CA ARG B 185 2.21 -1.00 1.29
C ARG B 185 3.06 -1.57 0.19
N TYR B 186 2.91 -2.90 -0.10
CA TYR B 186 3.80 -3.63 -0.99
C TYR B 186 2.96 -4.31 -2.06
N PRO B 187 2.35 -3.51 -2.94
CA PRO B 187 1.33 -4.09 -3.83
C PRO B 187 1.85 -5.00 -4.96
N THR B 188 3.16 -5.06 -5.13
CA THR B 188 3.76 -6.01 -6.06
C THR B 188 3.87 -7.43 -5.49
N VAL B 189 3.47 -7.63 -4.24
CA VAL B 189 3.48 -8.97 -3.65
C VAL B 189 2.68 -9.93 -4.51
N LYS B 190 3.21 -11.13 -4.77
CA LYS B 190 2.56 -12.13 -5.65
C LYS B 190 1.90 -13.31 -4.93
N ASP B 191 2.18 -13.45 -3.63
CA ASP B 191 1.80 -14.64 -2.88
C ASP B 191 1.82 -14.33 -1.41
N PHE B 192 0.87 -14.91 -0.66
CA PHE B 192 0.96 -15.00 0.80
C PHE B 192 1.00 -16.49 1.22
N TRP B 193 2.05 -16.83 1.97
CA TRP B 193 2.35 -18.19 2.39
C TRP B 193 2.21 -18.15 3.90
N PHE B 194 1.07 -18.64 4.35
CA PHE B 194 0.75 -18.64 5.76
C PHE B 194 1.35 -19.83 6.50
N ASP B 195 1.66 -19.54 7.76
CA ASP B 195 2.19 -20.54 8.70
C ASP B 195 1.56 -20.27 10.06
N GLY B 196 1.76 -21.17 11.02
CA GLY B 196 1.21 -20.98 12.36
C GLY B 196 -0.33 -20.99 12.35
N THR B 197 -0.90 -21.87 11.55
CA THR B 197 -2.37 -21.99 11.37
C THR B 197 -2.92 -23.37 11.73
N TRP B 198 -2.09 -24.17 12.41
CA TRP B 198 -2.45 -25.56 12.76
C TRP B 198 -3.25 -25.67 14.05
N ASP B 199 -3.22 -24.63 14.90
CA ASP B 199 -3.82 -24.75 16.23
C ASP B 199 -5.36 -24.89 16.14
N ALA B 200 -5.88 -25.53 17.18
CA ALA B 200 -7.36 -25.74 17.33
C ALA B 200 -8.17 -24.45 17.16
N SER B 201 -7.66 -23.37 17.73
CA SER B 201 -8.29 -22.03 17.60
C SER B 201 -8.53 -21.64 16.15
N VAL B 202 -7.52 -21.83 15.31
CA VAL B 202 -7.65 -21.52 13.91
C VAL B 202 -8.59 -22.51 13.23
N LYS B 203 -8.45 -23.81 13.55
CA LYS B 203 -9.27 -24.83 12.94
C LYS B 203 -10.76 -24.63 13.21
N LYS B 204 -11.05 -24.10 14.39
CA LYS B 204 -12.43 -23.79 14.80
C LYS B 204 -12.91 -22.49 14.15
N ASN B 205 -11.98 -21.76 13.55
CA ASN B 205 -12.32 -20.51 12.85
C ASN B 205 -11.98 -20.57 11.38
N GLY B 206 -12.35 -21.67 10.74
CA GLY B 206 -12.14 -21.83 9.30
C GLY B 206 -12.68 -20.68 8.47
N TRP B 207 -13.82 -20.12 8.89
CA TRP B 207 -14.43 -18.96 8.21
C TRP B 207 -13.39 -17.83 8.06
N TRP B 208 -12.57 -17.65 9.08
CA TRP B 208 -11.56 -16.56 9.08
C TRP B 208 -10.52 -16.83 7.98
N THR B 209 -10.09 -18.10 7.85
CA THR B 209 -9.14 -18.46 6.80
C THR B 209 -9.64 -18.20 5.40
N ALA B 210 -10.92 -18.50 5.16
CA ALA B 210 -11.52 -18.24 3.84
C ALA B 210 -11.63 -16.72 3.61
N HIS B 211 -11.99 -15.99 4.66
CA HIS B 211 -12.06 -14.52 4.63
C HIS B 211 -10.70 -13.90 4.28
N ALA B 212 -9.64 -14.40 4.91
CA ALA B 212 -8.28 -13.88 4.68
C ALA B 212 -7.89 -14.07 3.21
N GLU B 213 -8.13 -15.25 2.66
CA GLU B 213 -7.93 -15.52 1.25
C GLU B 213 -8.71 -14.52 0.38
N GLN B 214 -10.00 -14.37 0.63
CA GLN B 214 -10.85 -13.48 -0.18
C GLN B 214 -10.40 -12.03 -0.06
N MET B 215 -10.14 -11.60 1.17
CA MET B 215 -9.68 -10.24 1.44
C MET B 215 -8.42 -9.90 0.65
N LEU B 216 -7.41 -10.77 0.72
CA LEU B 216 -6.17 -10.54 0.03
C LEU B 216 -6.32 -10.60 -1.47
N LYS B 217 -7.16 -11.50 -1.98
CA LYS B 217 -7.40 -11.53 -3.42
C LYS B 217 -8.12 -10.27 -3.95
N GLU B 218 -8.91 -9.65 -3.09
CA GLU B 218 -9.57 -8.38 -3.44
C GLU B 218 -8.55 -7.26 -3.50
N LEU B 219 -7.59 -7.26 -2.56
CA LEU B 219 -6.61 -6.17 -2.49
C LEU B 219 -5.49 -6.28 -3.49
N VAL B 220 -5.12 -7.52 -3.85
CA VAL B 220 -3.97 -7.79 -4.71
C VAL B 220 -4.43 -8.70 -5.85
N PRO B 221 -4.86 -8.10 -6.98
CA PRO B 221 -5.31 -8.91 -8.13
C PRO B 221 -4.29 -9.99 -8.54
N GLY B 222 -4.77 -11.23 -8.63
CA GLY B 222 -3.95 -12.30 -9.08
C GLY B 222 -3.08 -12.95 -8.01
N VAL B 223 -3.14 -12.43 -6.80
CA VAL B 223 -2.31 -12.98 -5.71
C VAL B 223 -2.60 -14.50 -5.53
N ALA B 224 -1.56 -15.23 -5.18
CA ALA B 224 -1.70 -16.66 -4.81
C ALA B 224 -1.67 -16.78 -3.27
N ILE B 225 -2.34 -17.82 -2.80
CA ILE B 225 -2.53 -18.09 -1.37
C ILE B 225 -2.28 -19.60 -1.17
N ASN B 226 -1.42 -19.94 -0.20
CA ASN B 226 -1.14 -21.35 0.02
C ASN B 226 -2.24 -22.12 0.75
N SER B 227 -2.23 -23.45 0.53
CA SER B 227 -3.18 -24.34 1.20
C SER B 227 -3.07 -24.35 2.71
N ARG B 228 -1.90 -24.10 3.23
CA ARG B 228 -1.63 -24.19 4.65
C ARG B 228 -2.44 -23.22 5.48
N LEU B 229 -2.82 -22.09 4.86
CA LEU B 229 -3.66 -21.18 5.53
C LEU B 229 -4.99 -21.86 5.96
N ARG B 230 -5.52 -22.72 5.10
CA ARG B 230 -6.97 -22.91 5.00
C ARG B 230 -7.51 -24.11 5.79
N ALA B 231 -8.55 -23.82 6.57
CA ALA B 231 -9.40 -24.83 7.28
C ALA B 231 -10.84 -24.61 6.84
N ASP B 232 -11.56 -25.70 6.63
CA ASP B 232 -12.96 -25.60 6.25
C ASP B 232 -13.90 -25.54 7.48
N ASP B 233 -15.22 -25.63 7.20
CA ASP B 233 -16.25 -25.53 8.23
C ASP B 233 -16.05 -26.55 9.36
N LYS B 234 -15.46 -27.70 9.04
CA LYS B 234 -15.25 -28.79 9.96
C LYS B 234 -13.83 -28.83 10.56
N GLY B 235 -12.99 -27.85 10.27
CA GLY B 235 -11.64 -27.83 10.82
C GLY B 235 -10.64 -28.60 9.99
N LYS B 236 -11.08 -29.15 8.87
CA LYS B 236 -10.17 -29.91 8.00
C LYS B 236 -9.24 -28.93 7.22
N ARG B 237 -7.94 -29.22 7.25
CA ARG B 237 -6.94 -28.31 6.67
C ARG B 237 -6.38 -28.77 5.33
N HIS B 238 -5.92 -27.77 4.55
CA HIS B 238 -5.30 -27.97 3.22
C HIS B 238 -6.28 -28.40 2.14
N PHE B 239 -6.87 -29.61 2.30
CA PHE B 239 -7.93 -30.12 1.46
C PHE B 239 -9.21 -30.16 2.31
N ASP B 240 -10.34 -29.75 1.73
CA ASP B 240 -11.58 -29.67 2.52
C ASP B 240 -12.23 -31.05 2.70
N SER B 241 -13.39 -31.06 3.35
CA SER B 241 -14.07 -32.30 3.74
C SER B 241 -14.54 -33.12 2.54
N ASN B 242 -14.60 -32.52 1.37
CA ASN B 242 -14.86 -33.23 0.12
C ASN B 242 -13.58 -33.58 -0.65
N GLY B 243 -12.43 -33.46 0.01
CA GLY B 243 -11.13 -33.77 -0.59
C GLY B 243 -10.64 -32.78 -1.62
N ARG B 244 -11.22 -31.56 -1.66
CA ARG B 244 -10.84 -30.54 -2.63
C ARG B 244 -9.81 -29.57 -2.06
N LEU B 245 -8.78 -29.27 -2.86
CA LEU B 245 -7.69 -28.37 -2.42
C LEU B 245 -8.23 -26.98 -2.15
N MET B 246 -7.91 -26.44 -0.98
CA MET B 246 -8.18 -25.04 -0.65
C MET B 246 -6.96 -24.17 -0.94
N GLY B 247 -7.18 -22.89 -1.16
CA GLY B 247 -6.11 -22.00 -1.65
C GLY B 247 -5.76 -22.33 -3.09
N ASP B 248 -4.64 -21.81 -3.56
CA ASP B 248 -4.29 -21.90 -4.99
C ASP B 248 -3.30 -23.00 -5.34
N TYR B 249 -2.62 -23.50 -4.33
CA TYR B 249 -1.55 -24.51 -4.51
C TYR B 249 -1.37 -25.23 -3.19
N GLU B 250 -0.94 -26.49 -3.29
CA GLU B 250 -0.65 -27.26 -2.11
C GLU B 250 0.75 -26.92 -1.59
N SER B 251 0.87 -26.51 -0.32
CA SER B 251 2.17 -26.25 0.32
C SER B 251 2.44 -27.43 1.27
N GLY B 252 3.57 -28.08 1.08
CA GLY B 252 3.92 -29.27 1.88
C GLY B 252 5.20 -29.86 1.36
N TYR B 253 5.39 -31.14 1.62
CA TYR B 253 6.53 -31.87 1.11
C TYR B 253 7.88 -31.34 1.58
N GLU B 254 7.94 -30.80 2.78
CA GLU B 254 9.17 -30.17 3.28
CA GLU B 254 9.15 -30.15 3.27
C GLU B 254 10.24 -31.19 3.54
N ARG B 255 9.86 -32.30 4.12
CA ARG B 255 10.81 -33.37 4.41
C ARG B 255 10.98 -34.26 3.19
N ARG B 256 9.88 -34.70 2.58
CA ARG B 256 9.93 -35.69 1.53
C ARG B 256 9.01 -35.33 0.35
N LEU B 257 9.59 -35.31 -0.85
CA LEU B 257 8.86 -34.99 -2.07
C LEU B 257 7.92 -36.11 -2.50
N PRO B 258 6.92 -35.80 -3.32
CA PRO B 258 6.02 -36.83 -3.86
C PRO B 258 6.80 -37.96 -4.52
N ASP B 259 6.37 -39.20 -4.29
CA ASP B 259 7.00 -40.35 -4.93
C ASP B 259 6.74 -40.34 -6.45
N PRO B 260 7.82 -40.40 -7.27
CA PRO B 260 7.63 -40.29 -8.69
C PRO B 260 6.80 -41.37 -9.36
N VAL B 261 6.61 -42.49 -8.69
CA VAL B 261 5.79 -43.61 -9.25
C VAL B 261 4.40 -43.64 -8.61
N LYS B 262 4.34 -43.44 -7.29
CA LYS B 262 3.13 -43.68 -6.50
C LYS B 262 2.27 -42.42 -6.24
N ASP B 263 2.84 -41.22 -6.44
CA ASP B 263 2.14 -39.98 -6.09
C ASP B 263 1.86 -39.09 -7.33
N LEU B 264 1.55 -39.69 -8.46
CA LEU B 264 1.23 -38.94 -9.67
C LEU B 264 -0.03 -38.09 -9.53
N LYS B 265 -0.82 -38.35 -8.50
CA LYS B 265 -1.99 -37.52 -8.20
C LYS B 265 -1.62 -36.02 -8.09
N VAL B 266 -0.43 -35.70 -7.60
CA VAL B 266 -0.04 -34.29 -7.43
C VAL B 266 0.07 -33.50 -8.72
N THR B 267 0.19 -34.19 -9.85
CA THR B 267 0.22 -33.51 -11.13
C THR B 267 -1.14 -32.84 -11.46
N GLN B 268 -2.17 -33.14 -10.69
CA GLN B 268 -3.51 -32.60 -10.95
C GLN B 268 -3.73 -31.20 -10.33
N TRP B 269 -2.76 -30.73 -9.52
CA TRP B 269 -2.89 -29.39 -8.90
C TRP B 269 -1.51 -28.74 -8.82
N ASP B 270 -1.49 -27.41 -8.68
CA ASP B 270 -0.24 -26.73 -8.43
C ASP B 270 0.21 -27.04 -7.02
N TRP B 271 1.52 -27.12 -6.83
CA TRP B 271 2.07 -27.35 -5.53
C TRP B 271 3.51 -26.79 -5.46
N GLU B 272 3.94 -26.58 -4.23
CA GLU B 272 5.25 -26.00 -3.97
C GLU B 272 5.86 -26.66 -2.72
N ALA B 273 7.10 -27.15 -2.86
CA ALA B 273 7.87 -27.69 -1.72
C ALA B 273 8.89 -26.67 -1.27
N CYS B 274 9.06 -26.50 0.04
CA CYS B 274 10.09 -25.63 0.59
C CYS B 274 11.06 -26.50 1.39
N MET B 275 12.35 -26.26 1.22
CA MET B 275 13.34 -27.15 1.84
CA MET B 275 13.45 -27.17 1.70
C MET B 275 14.45 -26.40 2.53
N THR B 276 14.89 -26.98 3.65
CA THR B 276 16.03 -26.49 4.41
C THR B 276 17.30 -27.22 3.91
N ILE B 277 18.45 -26.59 4.09
CA ILE B 277 19.71 -27.16 3.75
C ILE B 277 20.16 -28.21 4.78
N PRO B 278 20.21 -27.85 6.06
CA PRO B 278 20.24 -28.86 7.13
C PRO B 278 18.91 -29.57 7.24
N GLU B 279 18.81 -30.54 8.16
CA GLU B 279 17.59 -31.31 8.25
CA GLU B 279 17.60 -31.31 8.30
C GLU B 279 16.37 -30.46 8.66
N ASN B 280 16.55 -29.59 9.65
CA ASN B 280 15.45 -28.78 10.15
C ASN B 280 15.94 -27.49 10.81
N GLN B 281 16.58 -26.65 10.04
CA GLN B 281 16.94 -25.30 10.49
C GLN B 281 16.46 -24.32 9.43
N TRP B 282 15.57 -23.39 9.80
CA TRP B 282 15.09 -22.38 8.86
C TRP B 282 15.77 -21.01 9.12
N GLY B 283 15.66 -20.54 10.33
CA GLY B 283 16.47 -19.38 10.76
C GLY B 283 17.91 -19.75 11.00
N TYR B 284 18.77 -18.74 11.09
CA TYR B 284 20.18 -18.90 11.35
C TYR B 284 20.44 -19.69 12.62
N HIS B 285 21.13 -20.83 12.48
CA HIS B 285 21.69 -21.60 13.59
C HIS B 285 23.20 -21.63 13.47
N LYS B 286 23.90 -21.30 14.55
CA LYS B 286 25.38 -21.21 14.49
C LYS B 286 26.12 -22.54 14.30
N ASP B 287 25.47 -23.66 14.51
CA ASP B 287 26.14 -24.96 14.45
C ASP B 287 25.41 -25.98 13.54
N TRP B 288 25.85 -26.01 12.30
CA TRP B 288 25.30 -26.94 11.32
C TRP B 288 25.87 -28.34 11.45
N SER B 289 26.79 -28.60 12.40
CA SER B 289 27.30 -29.97 12.56
C SER B 289 26.31 -30.89 13.25
N LEU B 290 25.22 -30.34 13.77
CA LEU B 290 24.28 -31.09 14.58
C LEU B 290 23.34 -31.99 13.79
N SER B 291 23.21 -31.80 12.47
CA SER B 291 22.35 -32.63 11.65
C SER B 291 22.94 -32.75 10.26
N TYR B 292 22.33 -33.62 9.43
CA TYR B 292 22.84 -33.85 8.10
C TYR B 292 22.60 -32.55 7.25
N VAL B 293 23.60 -32.14 6.48
CA VAL B 293 23.54 -30.97 5.62
C VAL B 293 23.60 -31.46 4.14
N LYS B 294 22.60 -31.10 3.37
CA LYS B 294 22.55 -31.50 1.97
C LYS B 294 23.64 -30.85 1.11
N THR B 295 24.16 -31.63 0.18
CA THR B 295 25.09 -31.13 -0.81
C THR B 295 24.35 -30.38 -1.94
N PRO B 296 25.08 -29.58 -2.74
CA PRO B 296 24.42 -28.91 -3.88
C PRO B 296 23.75 -29.89 -4.84
N ILE B 297 24.39 -31.02 -5.15
CA ILE B 297 23.76 -31.98 -6.06
C ILE B 297 22.49 -32.55 -5.42
N GLU B 298 22.52 -32.81 -4.10
CA GLU B 298 21.31 -33.30 -3.46
C GLU B 298 20.17 -32.29 -3.59
N VAL B 299 20.50 -31.01 -3.50
CA VAL B 299 19.48 -29.97 -3.64
C VAL B 299 18.99 -29.84 -5.09
N ILE B 300 19.92 -29.87 -6.02
CA ILE B 300 19.56 -29.85 -7.44
C ILE B 300 18.66 -31.01 -7.81
N ASP B 301 18.94 -32.21 -7.28
CA ASP B 301 18.05 -33.35 -7.48
C ASP B 301 16.62 -33.04 -7.02
N ARG B 302 16.46 -32.43 -5.84
CA ARG B 302 15.15 -32.06 -5.35
CA ARG B 302 15.15 -32.08 -5.34
C ARG B 302 14.45 -31.02 -6.23
N ILE B 303 15.19 -30.05 -6.70
CA ILE B 303 14.59 -29.02 -7.60
C ILE B 303 13.99 -29.69 -8.87
N VAL B 304 14.79 -30.52 -9.49
CA VAL B 304 14.36 -31.18 -10.75
C VAL B 304 13.24 -32.16 -10.48
N HIS B 305 13.36 -32.92 -9.39
CA HIS B 305 12.28 -33.82 -8.93
C HIS B 305 10.93 -33.10 -8.84
N ALA B 306 10.90 -31.97 -8.16
CA ALA B 306 9.66 -31.19 -8.08
C ALA B 306 9.10 -30.84 -9.44
N VAL B 307 9.91 -30.24 -10.31
CA VAL B 307 9.41 -29.77 -11.63
C VAL B 307 8.91 -30.96 -12.46
N SER B 308 9.60 -32.10 -12.32
CA SER B 308 9.25 -33.31 -13.08
C SER B 308 7.89 -33.77 -12.68
N MET B 309 7.42 -33.40 -11.50
CA MET B 309 6.08 -33.77 -11.03
C MET B 309 5.12 -32.58 -10.94
N GLY B 310 5.43 -31.54 -11.69
CA GLY B 310 4.54 -30.40 -11.79
C GLY B 310 4.51 -29.41 -10.65
N GLY B 311 5.57 -29.40 -9.87
CA GLY B 311 5.70 -28.56 -8.69
C GLY B 311 6.90 -27.62 -8.68
N ASN B 312 6.78 -26.62 -7.81
CA ASN B 312 7.82 -25.64 -7.58
C ASN B 312 8.71 -26.13 -6.41
N MET B 313 9.95 -25.64 -6.37
CA MET B 313 10.86 -25.92 -5.25
C MET B 313 11.50 -24.62 -4.79
N VAL B 314 11.54 -24.46 -3.47
CA VAL B 314 12.06 -23.30 -2.81
C VAL B 314 13.19 -23.70 -1.82
N VAL B 315 14.37 -23.13 -2.03
CA VAL B 315 15.54 -23.41 -1.19
C VAL B 315 15.67 -22.34 -0.11
N ASN B 316 15.64 -22.79 1.15
CA ASN B 316 15.74 -21.86 2.28
C ASN B 316 17.13 -21.35 2.62
N PHE B 317 17.17 -20.06 2.98
CA PHE B 317 18.32 -19.38 3.54
C PHE B 317 17.93 -18.71 4.88
N GLY B 318 18.85 -18.76 5.84
CA GLY B 318 18.70 -18.13 7.16
C GLY B 318 19.83 -17.11 7.38
N PRO B 319 19.65 -15.87 6.96
CA PRO B 319 20.77 -14.92 6.99
C PRO B 319 21.31 -14.66 8.39
N GLN B 320 22.59 -14.35 8.48
CA GLN B 320 23.19 -13.98 9.77
C GLN B 320 22.60 -12.71 10.36
N ALA B 321 22.80 -12.54 11.66
CA ALA B 321 22.38 -11.31 12.33
C ALA B 321 22.96 -10.05 11.73
N ASP B 322 24.16 -10.13 11.17
CA ASP B 322 24.79 -8.93 10.63
C ASP B 322 24.28 -8.53 9.25
N GLY B 323 23.42 -9.34 8.66
CA GLY B 323 22.88 -9.02 7.35
C GLY B 323 23.61 -9.64 6.17
N ASP B 324 24.65 -10.45 6.42
CA ASP B 324 25.30 -11.22 5.39
C ASP B 324 24.86 -12.69 5.48
N PHE B 325 25.26 -13.46 4.48
CA PHE B 325 25.00 -14.92 4.43
C PHE B 325 26.23 -15.75 4.81
N ARG B 326 25.99 -16.82 5.53
CA ARG B 326 27.04 -17.78 5.91
C ARG B 326 27.71 -18.42 4.68
N PRO B 327 28.96 -18.89 4.86
CA PRO B 327 29.69 -19.44 3.72
C PRO B 327 28.99 -20.61 3.03
N GLU B 328 28.35 -21.49 3.80
CA GLU B 328 27.68 -22.68 3.23
C GLU B 328 26.54 -22.27 2.30
N GLU B 329 25.89 -21.16 2.64
CA GLU B 329 24.77 -20.67 1.81
C GLU B 329 25.25 -19.97 0.55
N LYS B 330 26.36 -19.19 0.65
CA LYS B 330 26.97 -18.62 -0.54
C LYS B 330 27.43 -19.71 -1.52
N ALA B 331 28.05 -20.77 -0.97
CA ALA B 331 28.48 -21.92 -1.78
C ALA B 331 27.29 -22.60 -2.45
N MET B 332 26.21 -22.78 -1.71
CA MET B 332 25.03 -23.45 -2.28
C MET B 332 24.44 -22.64 -3.42
N ALA B 333 24.26 -21.34 -3.19
CA ALA B 333 23.69 -20.47 -4.18
C ALA B 333 24.53 -20.41 -5.44
N THR B 334 25.84 -20.33 -5.28
CA THR B 334 26.78 -20.28 -6.41
C THR B 334 26.72 -21.58 -7.23
N ALA B 335 26.71 -22.72 -6.53
CA ALA B 335 26.66 -24.02 -7.20
C ALA B 335 25.35 -24.23 -7.95
N ILE B 336 24.25 -23.94 -7.30
CA ILE B 336 22.95 -23.98 -7.97
C ILE B 336 22.95 -23.07 -9.17
N GLY B 337 23.44 -21.85 -9.01
CA GLY B 337 23.43 -20.91 -10.12
C GLY B 337 24.21 -21.34 -11.33
N LYS B 338 25.37 -21.97 -11.11
CA LYS B 338 26.18 -22.48 -12.20
C LYS B 338 25.40 -23.53 -12.97
N TRP B 339 24.76 -24.42 -12.22
CA TRP B 339 24.01 -25.51 -12.81
C TRP B 339 22.82 -24.98 -13.59
N MET B 340 22.09 -24.05 -13.00
CA MET B 340 20.87 -23.47 -13.61
C MET B 340 21.21 -22.68 -14.88
N ASN B 341 22.37 -22.05 -14.91
CA ASN B 341 22.79 -21.32 -16.09
CA ASN B 341 22.82 -21.31 -16.10
C ASN B 341 23.03 -22.28 -17.27
N ARG B 342 23.49 -23.48 -16.97
CA ARG B 342 23.74 -24.51 -17.99
C ARG B 342 22.48 -25.26 -18.39
N TYR B 343 21.67 -25.60 -17.38
CA TYR B 343 20.63 -26.61 -17.54
C TYR B 343 19.21 -26.11 -17.31
N GLY B 344 19.05 -24.82 -16.99
CA GLY B 344 17.78 -24.25 -16.61
C GLY B 344 16.64 -24.28 -17.61
N LYS B 345 16.97 -24.51 -18.88
CA LYS B 345 15.94 -24.73 -19.89
CA LYS B 345 15.92 -24.70 -19.88
C LYS B 345 15.05 -25.92 -19.57
N ALA B 346 15.59 -26.87 -18.80
CA ALA B 346 14.83 -28.05 -18.38
C ALA B 346 14.06 -27.85 -17.06
N VAL B 347 14.14 -26.64 -16.50
CA VAL B 347 13.48 -26.32 -15.23
C VAL B 347 12.43 -25.21 -15.40
N TYR B 348 12.86 -24.04 -15.83
CA TYR B 348 11.95 -22.90 -15.95
C TYR B 348 10.87 -23.20 -16.96
N ALA B 349 9.63 -22.91 -16.58
CA ALA B 349 8.48 -23.06 -17.45
C ALA B 349 8.30 -24.50 -17.91
N CYS B 350 8.79 -25.45 -17.14
CA CYS B 350 8.64 -26.87 -17.45
C CYS B 350 7.64 -27.52 -16.53
N ASP B 351 7.28 -28.75 -16.86
CA ASP B 351 6.21 -29.45 -16.15
C ASP B 351 6.36 -30.99 -16.34
N TYR B 352 5.43 -31.71 -15.75
CA TYR B 352 5.30 -33.18 -15.85
C TYR B 352 5.21 -33.59 -17.33
N ALA B 353 5.98 -34.63 -17.71
CA ALA B 353 6.08 -35.08 -19.09
C ALA B 353 5.15 -36.23 -19.48
N GLY B 354 4.56 -36.90 -18.51
CA GLY B 354 3.71 -38.06 -18.77
C GLY B 354 4.40 -39.34 -19.21
N PHE B 355 5.70 -39.47 -18.93
CA PHE B 355 6.49 -40.65 -19.28
C PHE B 355 6.69 -41.50 -18.02
N GLU B 356 6.82 -42.82 -18.20
CA GLU B 356 7.16 -43.69 -17.11
C GLU B 356 8.56 -43.36 -16.55
N LYS B 357 8.65 -43.35 -15.23
CA LYS B 357 9.87 -43.00 -14.53
C LYS B 357 10.97 -44.02 -14.83
N GLN B 358 12.19 -43.54 -15.07
CA GLN B 358 13.35 -44.38 -15.24
C GLN B 358 14.43 -44.06 -14.20
N ASP B 359 15.34 -45.00 -13.98
CA ASP B 359 16.25 -44.92 -12.87
C ASP B 359 17.38 -43.88 -13.01
N TRP B 360 17.65 -43.44 -14.24
CA TRP B 360 18.77 -42.51 -14.49
C TRP B 360 18.46 -41.10 -14.01
N GLY B 361 17.19 -40.79 -13.76
CA GLY B 361 16.82 -39.42 -13.39
C GLY B 361 15.39 -39.09 -13.72
N TYR B 362 15.16 -37.87 -14.17
CA TYR B 362 13.82 -37.30 -14.31
C TYR B 362 13.59 -36.78 -15.72
N TYR B 363 12.36 -36.87 -16.19
CA TYR B 363 11.94 -36.15 -17.40
C TYR B 363 11.26 -34.83 -16.99
N THR B 364 11.44 -33.81 -17.80
CA THR B 364 10.58 -32.63 -17.73
C THR B 364 10.12 -32.29 -19.14
N ARG B 365 9.02 -31.56 -19.24
CA ARG B 365 8.45 -31.16 -20.55
C ARG B 365 8.40 -29.62 -20.66
N GLY B 366 8.87 -29.09 -21.80
CA GLY B 366 8.88 -27.66 -22.09
C GLY B 366 7.56 -27.21 -22.70
N LYS B 367 7.45 -25.92 -23.02
CA LYS B 367 6.16 -25.39 -23.50
C LYS B 367 5.86 -25.80 -24.93
N ASN B 368 6.87 -26.22 -25.66
CA ASN B 368 6.67 -26.58 -27.08
C ASN B 368 7.02 -28.04 -27.33
N ASP B 369 6.57 -28.89 -26.40
CA ASP B 369 6.73 -30.33 -26.49
C ASP B 369 8.16 -30.84 -26.44
N GLU B 370 9.12 -30.02 -26.06
CA GLU B 370 10.46 -30.52 -25.70
C GLU B 370 10.32 -31.51 -24.54
N VAL B 371 11.04 -32.62 -24.62
CA VAL B 371 11.15 -33.54 -23.50
C VAL B 371 12.61 -33.61 -23.09
N TYR B 372 12.89 -33.19 -21.87
CA TYR B 372 14.24 -33.18 -21.34
C TYR B 372 14.47 -34.39 -20.43
N MET B 373 15.62 -35.03 -20.60
CA MET B 373 16.13 -36.09 -19.73
C MET B 373 17.19 -35.45 -18.85
N VAL B 374 16.95 -35.43 -17.55
CA VAL B 374 17.89 -34.88 -16.59
C VAL B 374 18.49 -36.08 -15.84
N VAL B 375 19.74 -36.35 -16.15
CA VAL B 375 20.42 -37.55 -15.73
C VAL B 375 21.24 -37.29 -14.41
N PHE B 376 20.83 -37.98 -13.36
CA PHE B 376 21.48 -37.96 -12.05
C PHE B 376 22.28 -39.22 -11.73
N ASN B 377 21.89 -40.34 -12.34
CA ASN B 377 22.52 -41.65 -12.01
C ASN B 377 22.99 -42.26 -13.34
N GLN B 378 24.30 -42.29 -13.55
CA GLN B 378 24.86 -42.63 -14.84
C GLN B 378 24.99 -44.16 -14.98
N PRO B 379 24.33 -44.74 -15.99
CA PRO B 379 24.33 -46.23 -16.10
C PRO B 379 25.69 -46.73 -16.59
N TYR B 380 26.22 -47.77 -15.93
CA TYR B 380 27.39 -48.44 -16.45
C TYR B 380 27.15 -49.04 -17.87
N SER B 381 25.90 -49.35 -18.18
CA SER B 381 25.54 -49.87 -19.52
C SER B 381 25.80 -48.85 -20.64
N GLU B 382 25.95 -47.58 -20.28
CA GLU B 382 26.16 -46.50 -21.22
C GLU B 382 24.91 -46.22 -22.07
N ARG B 383 23.79 -46.68 -21.59
CA ARG B 383 22.51 -46.56 -22.27
C ARG B 383 21.44 -46.09 -21.28
N LEU B 384 20.64 -45.12 -21.70
CA LEU B 384 19.60 -44.51 -20.90
C LEU B 384 18.28 -44.98 -21.48
N ILE B 385 17.55 -45.78 -20.72
CA ILE B 385 16.30 -46.37 -21.21
C ILE B 385 15.18 -45.32 -21.29
N VAL B 386 14.53 -45.21 -22.44
CA VAL B 386 13.39 -44.35 -22.62
C VAL B 386 12.21 -45.19 -23.13
N LYS B 387 11.19 -45.32 -22.29
CA LYS B 387 9.91 -45.95 -22.65
C LYS B 387 8.91 -44.83 -22.94
N THR B 388 8.44 -44.77 -24.18
CA THR B 388 7.52 -43.73 -24.61
C THR B 388 6.08 -44.12 -24.38
N PRO B 389 5.21 -43.15 -24.11
CA PRO B 389 3.76 -43.43 -24.12
C PRO B 389 3.30 -43.88 -25.51
N LYS B 390 2.12 -44.50 -25.55
CA LYS B 390 1.56 -45.00 -26.82
C LYS B 390 1.49 -43.86 -27.82
N GLY B 391 1.90 -44.14 -29.05
CA GLY B 391 1.83 -43.14 -30.12
C GLY B 391 2.93 -42.11 -30.14
N ILE B 392 3.86 -42.19 -29.17
CA ILE B 392 4.95 -41.21 -29.15
C ILE B 392 6.25 -41.84 -29.64
N THR B 393 6.95 -41.20 -30.56
CA THR B 393 8.25 -41.65 -30.99
C THR B 393 9.32 -40.59 -30.69
N VAL B 394 10.57 -41.07 -30.54
CA VAL B 394 11.71 -40.19 -30.36
C VAL B 394 12.41 -40.01 -31.68
N GLU B 395 12.45 -38.77 -32.18
CA GLU B 395 13.09 -38.49 -33.46
C GLU B 395 14.53 -38.06 -33.38
N LYS B 396 14.94 -37.50 -32.23
CA LYS B 396 16.27 -36.98 -32.10
C LYS B 396 16.58 -36.81 -30.61
N ALA B 397 17.84 -36.92 -30.29
CA ALA B 397 18.38 -36.59 -28.96
C ALA B 397 19.57 -35.68 -29.16
N THR B 398 19.69 -34.67 -28.28
CA THR B 398 20.76 -33.69 -28.32
C THR B 398 21.28 -33.38 -26.93
N LEU B 399 22.60 -33.32 -26.75
CA LEU B 399 23.20 -32.85 -25.50
C LEU B 399 22.96 -31.33 -25.41
N LEU B 400 22.25 -30.95 -24.36
CA LEU B 400 21.76 -29.57 -24.24
C LEU B 400 22.91 -28.57 -24.33
N THR B 401 23.99 -28.81 -23.61
CA THR B 401 25.06 -27.80 -23.48
C THR B 401 25.83 -27.59 -24.79
N THR B 402 26.03 -28.66 -25.58
CA THR B 402 26.93 -28.60 -26.73
C THR B 402 26.18 -28.62 -28.05
N GLY B 403 24.93 -29.06 -28.05
CA GLY B 403 24.19 -29.31 -29.28
C GLY B 403 24.57 -30.59 -30.01
N GLU B 404 25.45 -31.39 -29.43
CA GLU B 404 25.90 -32.60 -30.12
C GLU B 404 24.76 -33.65 -30.23
N ASP B 405 24.75 -34.33 -31.35
CA ASP B 405 23.75 -35.34 -31.59
C ASP B 405 24.05 -36.61 -30.73
N ILE B 406 23.00 -37.23 -30.22
CA ILE B 406 23.15 -38.38 -29.35
C ILE B 406 22.38 -39.53 -30.00
N THR B 407 23.01 -40.70 -30.08
CA THR B 407 22.39 -41.84 -30.76
C THR B 407 21.19 -42.34 -29.97
N VAL B 408 20.12 -42.63 -30.71
CA VAL B 408 18.91 -43.22 -30.22
C VAL B 408 18.69 -44.55 -30.97
N VAL B 409 18.61 -45.63 -30.22
CA VAL B 409 18.43 -46.98 -30.76
C VAL B 409 17.11 -47.55 -30.29
N GLU B 410 16.27 -47.99 -31.21
CA GLU B 410 15.05 -48.67 -30.84
C GLU B 410 15.37 -50.08 -30.30
N THR B 411 14.86 -50.42 -29.13
CA THR B 411 15.09 -51.73 -28.53
C THR B 411 13.82 -52.60 -28.57
N THR B 412 12.64 -51.98 -28.42
CA THR B 412 11.37 -52.69 -28.50
C THR B 412 10.31 -51.73 -29.08
N ARG B 413 9.07 -52.21 -29.24
CA ARG B 413 7.99 -51.41 -29.80
C ARG B 413 7.75 -50.10 -29.09
N ASN B 414 8.00 -50.05 -27.78
CA ASN B 414 7.77 -48.77 -27.09
C ASN B 414 8.98 -48.28 -26.28
N GLU B 415 10.18 -48.71 -26.68
CA GLU B 415 11.42 -48.41 -25.92
C GLU B 415 12.61 -48.11 -26.79
N TYR B 416 13.45 -47.23 -26.28
CA TYR B 416 14.71 -46.91 -26.88
C TYR B 416 15.83 -46.93 -25.84
N ASN B 417 17.04 -47.11 -26.34
CA ASN B 417 18.25 -46.78 -25.60
C ASN B 417 18.79 -45.46 -26.17
N VAL B 418 18.88 -44.45 -25.30
CA VAL B 418 19.51 -43.20 -25.65
C VAL B 418 20.93 -43.31 -25.12
N SER B 419 21.93 -43.13 -25.97
CA SER B 419 23.33 -43.27 -25.55
C SER B 419 23.71 -42.15 -24.57
N VAL B 420 24.56 -42.46 -23.61
CA VAL B 420 25.22 -41.42 -22.81
C VAL B 420 26.15 -40.63 -23.74
N PRO B 421 26.47 -39.39 -23.36
CA PRO B 421 27.44 -38.66 -24.18
C PRO B 421 28.83 -39.32 -24.24
N LYS B 422 29.56 -39.11 -25.33
CA LYS B 422 30.90 -39.69 -25.46
C LYS B 422 31.82 -39.25 -24.35
N LYS B 423 31.73 -37.99 -23.93
CA LYS B 423 32.51 -37.47 -22.82
C LYS B 423 31.53 -37.34 -21.64
N ASN B 424 31.88 -38.00 -20.55
CA ASN B 424 31.04 -37.95 -19.33
C ASN B 424 30.95 -36.48 -18.83
N PRO B 425 29.74 -35.92 -18.74
CA PRO B 425 29.65 -34.54 -18.28
C PRO B 425 30.17 -34.27 -16.86
N GLY B 426 30.28 -35.28 -16.01
CA GLY B 426 30.86 -35.12 -14.69
C GLY B 426 29.96 -34.44 -13.67
N GLU B 427 28.69 -34.29 -14.00
CA GLU B 427 27.70 -33.63 -13.15
C GLU B 427 26.34 -34.04 -13.74
N PRO B 428 25.25 -33.85 -12.98
CA PRO B 428 23.95 -34.09 -13.59
C PRO B 428 23.72 -33.25 -14.83
N TYR B 429 23.19 -33.87 -15.89
CA TYR B 429 23.21 -33.28 -17.21
C TYR B 429 21.89 -33.49 -17.93
N VAL B 430 21.71 -32.73 -19.04
CA VAL B 430 20.45 -32.78 -19.79
C VAL B 430 20.65 -33.21 -21.24
N ILE B 431 19.81 -34.16 -21.66
CA ILE B 431 19.62 -34.54 -23.07
C ILE B 431 18.23 -34.14 -23.46
N GLN B 432 18.13 -33.34 -24.54
CA GLN B 432 16.86 -32.91 -25.05
C GLN B 432 16.40 -33.83 -26.15
N LEU B 433 15.17 -34.32 -26.01
CA LEU B 433 14.53 -35.14 -27.00
C LEU B 433 13.57 -34.34 -27.86
N LYS B 434 13.60 -34.63 -29.16
CA LYS B 434 12.49 -34.25 -30.07
C LYS B 434 11.57 -35.46 -30.23
N VAL B 435 10.31 -35.27 -29.87
CA VAL B 435 9.33 -36.35 -29.92
C VAL B 435 8.21 -36.00 -30.88
N ARG B 436 7.58 -37.04 -31.39
CA ARG B 436 6.48 -36.89 -32.35
C ARG B 436 5.32 -37.73 -31.90
N ALA B 437 4.11 -37.16 -31.98
CA ALA B 437 2.88 -37.84 -31.59
C ALA B 437 2.13 -38.28 -32.86
N ALA B 438 1.72 -39.55 -32.93
CA ALA B 438 1.05 -40.09 -34.13
C ALA B 438 -0.29 -39.40 -34.43
N1 IMD C . 1.85 19.93 -3.79
C2 IMD C . 1.35 18.77 -3.25
N3 IMD C . 2.18 17.78 -3.63
C4 IMD C . 3.16 18.29 -4.38
C5 IMD C . 2.96 19.66 -4.49
N1 IMD D . -21.68 23.48 -10.63
C2 IMD D . -21.38 23.74 -9.33
N3 IMD D . -22.53 23.84 -8.62
C4 IMD D . -23.56 23.63 -9.50
C5 IMD D . -23.03 23.40 -10.75
S SO4 E . -21.69 23.15 -3.92
O1 SO4 E . -20.83 24.14 -4.58
O2 SO4 E . -21.32 21.82 -4.50
O3 SO4 E . -21.52 23.11 -2.48
O4 SO4 E . -23.09 23.46 -4.26
S SO4 F . -21.51 12.13 -23.81
O1 SO4 F . -21.24 11.12 -24.85
O2 SO4 F . -22.49 11.56 -22.86
O3 SO4 F . -20.27 12.46 -23.08
O4 SO4 F . -22.05 13.40 -24.37
C1 GOL G . -13.18 -5.29 -3.50
O1 GOL G . -12.58 -6.17 -4.49
C2 GOL G . -12.45 -3.96 -3.30
O2 GOL G . -13.21 -3.20 -2.32
C3 GOL G . -11.04 -4.26 -2.74
O3 GOL G . -10.19 -3.12 -2.60
C1 GOL H . -12.72 21.73 -7.62
O1 GOL H . -12.75 20.48 -8.34
C2 GOL H . -13.76 21.71 -6.52
O2 GOL H . -13.60 22.77 -5.55
C3 GOL H . -15.16 21.86 -7.10
O3 GOL H . -15.24 21.65 -8.50
N1 IMD I . 19.77 -15.08 -1.17
C2 IMD I . 19.34 -13.79 -1.26
N3 IMD I . 18.03 -13.79 -1.45
C4 IMD I . 17.59 -15.08 -1.48
C5 IMD I . 18.70 -15.89 -1.31
N1 IMD J . 9.29 -46.48 -29.22
C2 IMD J . 10.12 -47.39 -29.82
N3 IMD J . 9.68 -47.58 -31.07
C4 IMD J . 8.59 -46.81 -31.26
C5 IMD J . 8.34 -46.10 -30.10
N1 IMD K . -17.85 -15.14 11.89
C2 IMD K . -18.20 -16.39 12.26
N3 IMD K . -18.84 -16.99 11.21
C4 IMD K . -18.90 -16.10 10.19
C5 IMD K . -18.28 -14.94 10.60
S SO4 L . 1.11 -27.85 8.76
O1 SO4 L . 2.51 -28.31 8.69
O2 SO4 L . 0.44 -28.78 9.73
O3 SO4 L . 1.07 -26.50 9.28
O4 SO4 L . 0.58 -28.01 7.40
S SO4 M . 5.69 -15.47 27.70
O1 SO4 M . 6.59 -15.71 26.56
O2 SO4 M . 6.03 -16.41 28.81
O3 SO4 M . 5.87 -14.09 28.20
O4 SO4 M . 4.30 -15.66 27.22
C1 GOL N . 8.67 -23.16 7.88
O1 GOL N . 7.38 -23.72 8.20
C2 GOL N . 9.41 -22.58 9.12
O2 GOL N . 8.97 -21.25 9.24
C3 GOL N . 9.13 -23.32 10.42
O3 GOL N . 9.68 -22.74 11.62
C1 GOL O . 30.60 -13.44 7.42
O1 GOL O . 31.07 -13.51 8.76
C2 GOL O . 30.66 -14.84 6.82
O2 GOL O . 30.19 -15.80 7.78
C3 GOL O . 29.80 -14.79 5.57
O3 GOL O . 30.09 -15.87 4.69
#